data_5SAH
#
_entry.id   5SAH
#
_cell.length_a   149.945
_cell.length_b   149.945
_cell.length_c   112.009
_cell.angle_alpha   90.000
_cell.angle_beta   90.000
_cell.angle_gamma   120.000
#
_symmetry.space_group_name_H-M   'P 63'
#
loop_
_entity.id
_entity.type
_entity.pdbx_description
1 polymer 'Uridylate-specific endoribonuclease'
2 non-polymer 2-methyl-5,6,7,8-tetrahydropyrido[4,3-c]pyridazin-3(2H)-one
#
_entity_poly.entity_id   1
_entity_poly.type   'polypeptide(L)'
_entity_poly.pdbx_seq_one_letter_code
;GAMSLENVAFNVVNKGHFDGQQGEVPVSIINNTVYTKVDGVDVELFENKTTLPVNVAFELWAKRNIKPVPEVKILNNLGV
DIAANTVIWDYKRDAPAHISTIGVCSMTDIAKKPTETICAPLTVFFDGRVDGQVDLFRNARNGVLITEGSVKGLQPSVGP
KQASLNGVTLIGEAVKTQFNYYKKVDGVVQQLPETYFTQSRNLQEFKPRSQMEIDFLELAMDEFIERYKLEGYAFEHIVY
GDFSHSQLGGLHLLIGLAKRFKESPFELEDFIPMDSTVKNYFITDAQTGSSKCVCSVIDLLLDDFVEIIKSQDLSVVSKV
VKVTIDYTEISFMLWCKDGHVETFYPKLQ
;
_entity_poly.pdbx_strand_id   A,B
#
loop_
_chem_comp.id
_chem_comp.type
_chem_comp.name
_chem_comp.formula
ZQJ non-polymer 2-methyl-5,6,7,8-tetrahydropyrido[4,3-c]pyridazin-3(2H)-one 'C8 H11 N3 O'
#
# COMPACT_ATOMS: atom_id res chain seq x y z
N ALA A 2 19.32 -29.59 9.33
CA ALA A 2 19.39 -30.96 9.86
C ALA A 2 17.98 -31.53 9.99
N MET A 3 17.22 -31.43 8.90
CA MET A 3 15.86 -31.90 8.80
C MET A 3 15.74 -33.42 8.84
N SER A 4 14.70 -33.91 9.51
CA SER A 4 14.44 -35.34 9.62
C SER A 4 12.98 -35.65 9.90
N LEU A 5 12.56 -36.88 9.63
CA LEU A 5 11.21 -37.35 9.90
C LEU A 5 10.93 -37.27 11.41
N GLU A 6 11.87 -37.76 12.22
CA GLU A 6 11.79 -37.79 13.68
C GLU A 6 11.76 -36.40 14.29
N ASN A 7 12.48 -35.45 13.68
CA ASN A 7 12.46 -34.07 14.11
C ASN A 7 11.13 -33.38 13.75
N VAL A 8 10.56 -33.67 12.56
CA VAL A 8 9.27 -33.12 12.16
C VAL A 8 8.19 -33.59 13.14
N ALA A 9 8.18 -34.90 13.46
CA ALA A 9 7.27 -35.54 14.40
C ALA A 9 7.44 -34.99 15.81
N PHE A 10 8.69 -34.69 16.23
CA PHE A 10 8.96 -34.09 17.52
C PHE A 10 8.27 -32.71 17.60
N ASN A 11 8.40 -31.91 16.56
CA ASN A 11 7.79 -30.59 16.52
C ASN A 11 6.28 -30.72 16.53
N VAL A 12 5.70 -31.65 15.77
CA VAL A 12 4.25 -31.85 15.76
C VAL A 12 3.75 -32.21 17.17
N VAL A 13 4.39 -33.19 17.83
CA VAL A 13 4.00 -33.64 19.17
C VAL A 13 4.12 -32.51 20.21
N ASN A 14 5.25 -31.79 20.22
CA ASN A 14 5.50 -30.75 21.24
C ASN A 14 4.99 -29.35 20.95
N LYS A 15 4.92 -28.95 19.68
CA LYS A 15 4.54 -27.61 19.27
C LYS A 15 3.25 -27.52 18.43
N GLY A 16 2.63 -28.66 18.11
CA GLY A 16 1.40 -28.67 17.33
C GLY A 16 1.57 -28.52 15.82
N HIS A 17 2.81 -28.29 15.38
CA HIS A 17 3.23 -28.08 14.00
C HIS A 17 4.77 -27.91 13.98
N PHE A 18 5.38 -27.78 12.78
CA PHE A 18 6.83 -27.56 12.70
C PHE A 18 7.15 -26.14 13.20
N ASP A 19 8.07 -26.03 14.18
CA ASP A 19 8.44 -24.76 14.80
C ASP A 19 9.98 -24.59 14.93
N GLY A 20 10.75 -25.29 14.09
CA GLY A 20 12.21 -25.22 14.08
C GLY A 20 12.91 -25.68 15.34
N GLN A 21 12.22 -26.44 16.21
CA GLN A 21 12.81 -26.93 17.45
C GLN A 21 13.69 -28.15 17.24
N GLN A 22 14.61 -28.39 18.15
CA GLN A 22 15.50 -29.53 18.12
C GLN A 22 14.87 -30.65 18.91
N GLY A 23 15.04 -31.88 18.46
CA GLY A 23 14.50 -33.03 19.15
C GLY A 23 14.01 -34.09 18.18
N GLU A 24 13.84 -35.31 18.68
CA GLU A 24 13.41 -36.44 17.85
C GLU A 24 12.47 -37.33 18.66
N VAL A 25 11.38 -37.82 18.04
CA VAL A 25 10.49 -38.80 18.67
C VAL A 25 10.45 -40.06 17.81
N PRO A 26 10.31 -41.26 18.41
CA PRO A 26 10.26 -42.48 17.56
C PRO A 26 9.02 -42.48 16.68
N VAL A 27 9.23 -42.77 15.39
CA VAL A 27 8.16 -42.74 14.41
C VAL A 27 8.04 -44.08 13.73
N SER A 28 6.82 -44.46 13.40
CA SER A 28 6.59 -45.64 12.59
C SER A 28 5.66 -45.28 11.43
N ILE A 29 6.03 -45.69 10.23
CA ILE A 29 5.22 -45.45 9.05
C ILE A 29 4.63 -46.74 8.56
N ILE A 30 3.30 -46.80 8.48
CA ILE A 30 2.63 -47.97 8.01
C ILE A 30 1.46 -47.49 7.21
N ASN A 31 1.09 -48.13 6.08
N ASN A 31 1.67 -47.87 5.95
CA ASN A 31 -0.11 -47.79 5.26
CA ASN A 31 1.03 -47.60 4.70
C ASN A 31 -0.65 -46.30 5.29
C ASN A 31 1.17 -46.10 4.44
N ASN A 32 0.10 -45.37 4.64
CA ASN A 32 -0.06 -43.94 4.48
C ASN A 32 -0.30 -43.18 5.77
N THR A 33 0.15 -43.73 6.88
CA THR A 33 -0.05 -43.12 8.18
C THR A 33 1.26 -43.01 8.93
N VAL A 34 1.44 -41.92 9.64
CA VAL A 34 2.59 -41.70 10.48
C VAL A 34 2.12 -41.86 11.92
N TYR A 35 2.81 -42.70 12.71
CA TYR A 35 2.50 -42.91 14.11
C TYR A 35 3.72 -42.56 14.96
N THR A 36 3.47 -42.35 16.25
CA THR A 36 4.50 -42.16 17.26
C THR A 36 4.15 -43.02 18.48
N LYS A 37 5.16 -43.52 19.18
CA LYS A 37 4.94 -44.34 20.35
C LYS A 37 4.70 -43.43 21.56
N VAL A 38 3.55 -43.61 22.24
CA VAL A 38 3.18 -42.89 23.45
C VAL A 38 2.67 -43.91 24.45
N ASP A 39 3.30 -44.01 25.63
CA ASP A 39 2.87 -44.97 26.67
C ASP A 39 2.86 -46.41 26.12
N GLY A 40 3.85 -46.72 25.29
CA GLY A 40 4.00 -48.04 24.70
C GLY A 40 3.14 -48.34 23.49
N VAL A 41 2.16 -47.49 23.15
CA VAL A 41 1.28 -47.75 22.00
C VAL A 41 1.42 -46.71 20.91
N ASP A 42 1.06 -47.07 19.68
CA ASP A 42 1.15 -46.19 18.54
C ASP A 42 -0.02 -45.24 18.47
N VAL A 43 0.27 -43.96 18.27
CA VAL A 43 -0.72 -42.91 18.19
C VAL A 43 -0.54 -42.25 16.85
N GLU A 44 -1.62 -42.16 16.09
CA GLU A 44 -1.64 -41.56 14.77
C GLU A 44 -1.35 -40.07 14.81
N LEU A 45 -0.36 -39.61 14.04
CA LEU A 45 -0.03 -38.20 13.94
C LEU A 45 -0.53 -37.62 12.63
N PHE A 46 -0.62 -38.45 11.57
CA PHE A 46 -0.97 -37.94 10.26
C PHE A 46 -1.40 -39.03 9.32
N GLU A 47 -2.47 -38.77 8.58
CA GLU A 47 -2.93 -39.70 7.55
C GLU A 47 -2.79 -39.00 6.22
N ASN A 48 -1.92 -39.54 5.36
CA ASN A 48 -1.67 -39.03 4.04
C ASN A 48 -2.86 -39.23 3.11
N LYS A 49 -3.49 -38.12 2.73
CA LYS A 49 -4.59 -38.08 1.74
C LYS A 49 -4.10 -37.47 0.40
N THR A 50 -2.79 -37.21 0.27
CA THR A 50 -2.14 -36.64 -0.89
C THR A 50 -1.59 -37.76 -1.81
N THR A 51 -1.13 -37.35 -2.99
CA THR A 51 -0.45 -38.22 -3.95
C THR A 51 1.10 -38.18 -3.76
N LEU A 52 1.59 -37.49 -2.73
CA LEU A 52 3.02 -37.44 -2.41
C LEU A 52 3.35 -38.61 -1.47
N PRO A 53 4.63 -39.03 -1.37
CA PRO A 53 4.97 -40.05 -0.36
C PRO A 53 4.60 -39.58 1.06
N VAL A 54 4.12 -40.50 1.90
CA VAL A 54 3.63 -40.26 3.25
C VAL A 54 4.53 -39.38 4.10
N ASN A 55 5.84 -39.63 4.11
CA ASN A 55 6.77 -38.85 4.93
C ASN A 55 6.98 -37.44 4.41
N VAL A 56 6.88 -37.26 3.07
CA VAL A 56 7.01 -35.99 2.42
C VAL A 56 5.76 -35.16 2.71
N ALA A 57 4.56 -35.76 2.55
CA ALA A 57 3.31 -35.04 2.83
C ALA A 57 3.19 -34.64 4.30
N PHE A 58 3.71 -35.49 5.21
CA PHE A 58 3.70 -35.24 6.65
C PHE A 58 4.53 -34.01 6.95
N GLU A 59 5.71 -33.89 6.33
CA GLU A 59 6.59 -32.75 6.53
C GLU A 59 6.00 -31.46 5.96
N LEU A 60 5.31 -31.53 4.81
CA LEU A 60 4.67 -30.36 4.21
C LEU A 60 3.48 -29.89 5.04
N TRP A 61 2.72 -30.83 5.57
CA TRP A 61 1.61 -30.48 6.45
C TRP A 61 2.14 -29.86 7.75
N ALA A 62 3.19 -30.42 8.36
CA ALA A 62 3.79 -29.86 9.57
C ALA A 62 4.31 -28.43 9.31
N LYS A 63 4.84 -28.18 8.10
CA LYS A 63 5.37 -26.89 7.69
C LYS A 63 4.35 -25.96 7.04
N ARG A 64 3.05 -26.22 7.24
CA ARG A 64 1.97 -25.42 6.72
C ARG A 64 1.96 -24.05 7.35
N ASN A 65 1.44 -23.07 6.61
CA ASN A 65 1.34 -21.71 7.07
C ASN A 65 0.18 -21.65 8.07
N ILE A 66 0.48 -21.22 9.29
CA ILE A 66 -0.49 -21.08 10.38
C ILE A 66 -0.90 -19.62 10.62
N LYS A 67 -0.65 -18.74 9.66
CA LYS A 67 -1.10 -17.37 9.71
C LYS A 67 -2.29 -17.31 8.76
N PRO A 68 -3.20 -16.32 8.88
CA PRO A 68 -4.30 -16.22 7.91
C PRO A 68 -3.74 -16.06 6.49
N VAL A 69 -4.08 -16.96 5.58
CA VAL A 69 -3.58 -16.90 4.21
C VAL A 69 -4.72 -16.78 3.22
N PRO A 70 -4.47 -16.28 1.98
CA PRO A 70 -5.55 -16.25 0.98
C PRO A 70 -6.13 -17.64 0.76
N GLU A 71 -7.45 -17.72 0.55
CA GLU A 71 -8.11 -18.99 0.26
C GLU A 71 -7.59 -19.50 -1.08
N VAL A 72 -7.35 -20.81 -1.20
CA VAL A 72 -6.81 -21.45 -2.38
C VAL A 72 -7.51 -21.00 -3.69
N LYS A 73 -8.85 -20.82 -3.71
CA LYS A 73 -9.54 -20.32 -4.90
C LYS A 73 -8.98 -18.97 -5.41
N ILE A 74 -8.60 -18.05 -4.50
CA ILE A 74 -8.02 -16.76 -4.86
C ILE A 74 -6.63 -16.96 -5.47
N LEU A 75 -5.81 -17.80 -4.84
CA LEU A 75 -4.47 -18.10 -5.31
C LEU A 75 -4.48 -18.76 -6.70
N ASN A 76 -5.43 -19.66 -6.95
CA ASN A 76 -5.58 -20.35 -8.22
C ASN A 76 -6.05 -19.36 -9.31
N ASN A 77 -7.03 -18.49 -8.98
CA ASN A 77 -7.57 -17.49 -9.90
C ASN A 77 -6.52 -16.45 -10.29
N LEU A 78 -5.52 -16.22 -9.42
CA LEU A 78 -4.38 -15.35 -9.68
C LEU A 78 -3.18 -16.06 -10.35
N GLY A 79 -3.32 -17.34 -10.67
CA GLY A 79 -2.28 -18.11 -11.34
C GLY A 79 -1.10 -18.52 -10.50
N VAL A 80 -1.26 -18.62 -9.17
CA VAL A 80 -0.15 -19.00 -8.27
C VAL A 80 0.26 -20.45 -8.49
N ASP A 81 1.54 -20.68 -8.77
CA ASP A 81 2.12 -22.00 -9.02
C ASP A 81 2.83 -22.56 -7.81
N ILE A 82 3.46 -21.70 -7.02
CA ILE A 82 4.30 -22.12 -5.92
C ILE A 82 4.34 -21.02 -4.85
N ALA A 83 4.66 -21.38 -3.60
CA ALA A 83 4.76 -20.41 -2.53
C ALA A 83 6.23 -20.20 -2.17
N ALA A 84 6.60 -18.97 -1.75
CA ALA A 84 7.96 -18.69 -1.35
C ALA A 84 8.19 -19.01 0.13
N ASN A 85 8.94 -20.08 0.40
CA ASN A 85 9.42 -20.48 1.73
C ASN A 85 8.33 -20.74 2.76
N THR A 86 7.23 -21.31 2.31
CA THR A 86 6.07 -21.68 3.12
C THR A 86 5.26 -22.73 2.32
N VAL A 87 4.30 -23.38 3.00
CA VAL A 87 3.39 -24.32 2.38
C VAL A 87 1.99 -23.78 2.61
N ILE A 88 1.22 -23.56 1.54
CA ILE A 88 -0.18 -23.20 1.66
C ILE A 88 -0.89 -24.53 1.64
N TRP A 89 -1.45 -24.93 2.78
CA TRP A 89 -2.15 -26.19 2.89
C TRP A 89 -3.59 -26.02 2.42
N ASP A 90 -4.02 -26.90 1.54
CA ASP A 90 -5.37 -26.94 1.00
C ASP A 90 -6.18 -27.88 1.91
N TYR A 91 -7.00 -27.33 2.79
CA TYR A 91 -7.81 -28.09 3.73
C TYR A 91 -9.03 -28.73 3.08
N LYS A 92 -9.46 -28.26 1.90
CA LYS A 92 -10.56 -28.88 1.18
C LYS A 92 -10.09 -30.16 0.48
N ARG A 93 -8.82 -30.23 0.08
CA ARG A 93 -8.25 -31.42 -0.53
C ARG A 93 -7.38 -32.23 0.44
N ASP A 94 -7.08 -31.70 1.67
CA ASP A 94 -6.16 -32.29 2.66
C ASP A 94 -4.81 -32.55 1.97
N ALA A 95 -4.32 -31.56 1.27
CA ALA A 95 -3.10 -31.69 0.48
C ALA A 95 -2.46 -30.33 0.29
N PRO A 96 -1.17 -30.26 -0.09
CA PRO A 96 -0.57 -28.95 -0.36
C PRO A 96 -1.27 -28.32 -1.58
N ALA A 97 -1.51 -27.02 -1.53
CA ALA A 97 -2.14 -26.30 -2.64
C ALA A 97 -1.29 -26.32 -3.92
N HIS A 98 0.03 -26.50 -3.79
CA HIS A 98 1.02 -26.46 -4.87
C HIS A 98 1.87 -27.72 -4.91
N ILE A 99 2.34 -28.11 -6.09
CA ILE A 99 3.13 -29.33 -6.31
C ILE A 99 4.52 -29.29 -5.68
N SER A 100 5.20 -28.17 -5.86
CA SER A 100 6.57 -28.00 -5.41
C SER A 100 6.69 -26.93 -4.32
N THR A 101 7.86 -26.89 -3.70
CA THR A 101 8.15 -25.90 -2.67
C THR A 101 9.47 -25.15 -3.00
N ILE A 102 9.72 -24.08 -2.24
CA ILE A 102 10.93 -23.29 -2.30
C ILE A 102 11.36 -23.14 -0.84
N GLY A 103 12.53 -23.67 -0.48
CA GLY A 103 13.07 -23.58 0.87
C GLY A 103 12.26 -24.24 1.99
N VAL A 104 11.51 -25.30 1.67
CA VAL A 104 10.68 -25.98 2.67
C VAL A 104 11.11 -27.44 2.98
N CYS A 105 11.19 -28.29 1.97
CA CYS A 105 11.42 -29.71 2.15
C CYS A 105 12.35 -30.17 1.03
N SER A 106 13.41 -30.93 1.35
CA SER A 106 14.39 -31.36 0.33
C SER A 106 13.80 -32.22 -0.78
N MET A 107 12.76 -33.03 -0.48
CA MET A 107 12.10 -33.86 -1.48
C MET A 107 11.24 -33.06 -2.48
N THR A 108 10.57 -31.97 -2.04
CA THR A 108 9.70 -31.21 -2.95
C THR A 108 10.32 -29.92 -3.49
N ASP A 109 11.44 -29.46 -2.91
CA ASP A 109 12.10 -28.22 -3.32
C ASP A 109 12.65 -28.20 -4.70
N ILE A 110 12.26 -27.19 -5.47
CA ILE A 110 12.87 -26.96 -6.78
C ILE A 110 14.01 -25.92 -6.65
N ALA A 111 14.05 -25.16 -5.53
CA ALA A 111 14.98 -24.11 -5.19
C ALA A 111 14.91 -23.86 -3.68
N LYS A 112 15.96 -23.24 -3.11
CA LYS A 112 15.98 -22.85 -1.70
C LYS A 112 15.51 -21.39 -1.53
N LYS A 113 15.71 -20.55 -2.55
CA LYS A 113 15.31 -19.14 -2.55
C LYS A 113 14.52 -18.83 -3.83
N PRO A 114 13.48 -17.98 -3.76
CA PRO A 114 12.73 -17.64 -4.98
C PRO A 114 13.51 -16.85 -6.03
N THR A 115 14.76 -16.49 -5.73
CA THR A 115 15.66 -15.78 -6.64
C THR A 115 16.35 -16.71 -7.64
N GLU A 116 16.26 -18.05 -7.44
CA GLU A 116 16.87 -18.99 -8.36
C GLU A 116 16.16 -18.95 -9.71
N THR A 117 16.91 -19.10 -10.82
CA THR A 117 16.38 -18.97 -12.16
C THR A 117 15.22 -19.96 -12.45
N ILE A 118 15.14 -21.11 -11.74
CA ILE A 118 14.03 -22.05 -11.92
C ILE A 118 12.67 -21.41 -11.52
N CYS A 119 12.69 -20.42 -10.61
CA CYS A 119 11.48 -19.74 -10.12
C CYS A 119 11.03 -18.60 -11.00
N ALA A 120 11.91 -18.06 -11.86
CA ALA A 120 11.57 -16.95 -12.75
C ALA A 120 10.29 -17.19 -13.57
N PRO A 121 10.08 -18.32 -14.29
CA PRO A 121 8.83 -18.50 -15.05
C PRO A 121 7.59 -18.88 -14.22
N LEU A 122 7.77 -19.24 -12.96
CA LEU A 122 6.66 -19.63 -12.09
C LEU A 122 6.07 -18.44 -11.35
N THR A 123 4.75 -18.41 -11.16
CA THR A 123 4.12 -17.34 -10.39
C THR A 123 4.26 -17.72 -8.93
N VAL A 124 5.22 -17.06 -8.25
CA VAL A 124 5.56 -17.32 -6.86
C VAL A 124 4.68 -16.49 -5.92
N PHE A 125 4.17 -17.11 -4.85
CA PHE A 125 3.38 -16.40 -3.86
C PHE A 125 4.32 -15.81 -2.82
N PHE A 126 4.22 -14.50 -2.59
CA PHE A 126 5.01 -13.76 -1.62
C PHE A 126 4.08 -13.17 -0.57
N ASP A 127 4.55 -13.17 0.67
CA ASP A 127 3.83 -12.67 1.83
C ASP A 127 4.64 -11.51 2.47
N GLY A 128 4.14 -10.30 2.30
CA GLY A 128 4.76 -9.07 2.82
C GLY A 128 4.91 -9.06 4.32
N ARG A 129 4.20 -9.96 5.02
CA ARG A 129 4.34 -10.08 6.47
C ARG A 129 5.68 -10.75 6.87
N VAL A 130 6.35 -11.43 5.94
CA VAL A 130 7.64 -12.07 6.18
C VAL A 130 8.71 -11.10 5.67
N ASP A 131 9.75 -10.84 6.48
CA ASP A 131 10.85 -9.96 6.11
C ASP A 131 11.48 -10.33 4.76
N GLY A 132 11.71 -9.31 3.94
CA GLY A 132 12.34 -9.45 2.63
C GLY A 132 11.47 -10.01 1.51
N GLN A 133 10.18 -10.33 1.76
CA GLN A 133 9.35 -10.92 0.69
C GLN A 133 8.77 -9.87 -0.25
N VAL A 134 8.59 -8.62 0.21
CA VAL A 134 8.14 -7.55 -0.68
C VAL A 134 9.26 -7.28 -1.72
N ASP A 135 10.52 -7.26 -1.27
CA ASP A 135 11.66 -7.06 -2.15
C ASP A 135 11.88 -8.23 -3.10
N LEU A 136 11.61 -9.46 -2.63
CA LEU A 136 11.69 -10.65 -3.48
C LEU A 136 10.65 -10.62 -4.60
N PHE A 137 9.47 -10.04 -4.33
CA PHE A 137 8.41 -9.87 -5.32
C PHE A 137 8.87 -8.86 -6.37
N ARG A 138 9.49 -7.73 -5.93
CA ARG A 138 10.00 -6.71 -6.83
C ARG A 138 11.04 -7.30 -7.78
N ASN A 139 11.87 -8.24 -7.32
CA ASN A 139 12.88 -8.85 -8.17
C ASN A 139 12.41 -10.09 -8.93
N ALA A 140 11.23 -10.65 -8.59
CA ALA A 140 10.67 -11.83 -9.28
C ALA A 140 10.11 -11.50 -10.66
N ARG A 141 10.29 -12.40 -11.62
CA ARG A 141 9.73 -12.20 -12.96
C ARG A 141 8.21 -12.42 -12.87
N ASN A 142 7.78 -13.46 -12.19
CA ASN A 142 6.36 -13.73 -12.01
C ASN A 142 6.07 -13.94 -10.53
N GLY A 143 4.94 -13.39 -10.09
CA GLY A 143 4.56 -13.51 -8.70
C GLY A 143 3.29 -12.82 -8.31
N VAL A 144 2.81 -13.16 -7.11
CA VAL A 144 1.63 -12.59 -6.48
C VAL A 144 2.06 -12.22 -5.06
N LEU A 145 1.75 -11.01 -4.62
CA LEU A 145 2.14 -10.52 -3.32
C LEU A 145 0.92 -10.12 -2.50
N ILE A 146 0.94 -10.45 -1.19
CA ILE A 146 -0.07 -9.98 -0.26
C ILE A 146 0.61 -9.12 0.80
N THR A 147 -0.01 -8.01 1.18
CA THR A 147 0.52 -7.15 2.23
C THR A 147 -0.61 -6.68 3.16
N GLU A 148 -0.23 -6.21 4.35
CA GLU A 148 -1.19 -5.63 5.28
C GLU A 148 -1.33 -4.10 5.11
N GLY A 149 -0.37 -3.46 4.42
CA GLY A 149 -0.34 -2.03 4.19
C GLY A 149 0.17 -1.66 2.81
N SER A 150 0.47 -0.37 2.61
CA SER A 150 0.94 0.11 1.31
C SER A 150 2.39 -0.24 1.00
N VAL A 151 2.68 -0.50 -0.28
CA VAL A 151 4.02 -0.77 -0.78
C VAL A 151 4.34 0.42 -1.68
N LYS A 152 5.45 1.15 -1.42
CA LYS A 152 5.79 2.38 -2.14
C LYS A 152 5.80 2.18 -3.67
N GLY A 153 4.96 2.97 -4.35
CA GLY A 153 4.84 2.90 -5.81
C GLY A 153 3.95 1.80 -6.38
N LEU A 154 3.67 0.73 -5.61
CA LEU A 154 2.84 -0.38 -6.11
C LEU A 154 1.36 -0.15 -5.85
N GLN A 155 0.57 -0.07 -6.92
CA GLN A 155 -0.87 0.18 -6.81
C GLN A 155 -1.59 -1.03 -6.28
N PRO A 156 -2.33 -0.91 -5.15
CA PRO A 156 -2.94 -2.10 -4.58
C PRO A 156 -4.33 -2.44 -5.08
N SER A 157 -4.68 -3.68 -4.84
CA SER A 157 -6.00 -4.22 -5.12
C SER A 157 -6.47 -4.74 -3.78
N VAL A 158 -7.57 -4.19 -3.25
CA VAL A 158 -8.08 -4.64 -1.95
C VAL A 158 -8.78 -5.99 -2.13
N GLY A 159 -8.22 -7.02 -1.51
CA GLY A 159 -8.75 -8.37 -1.62
C GLY A 159 -9.97 -8.60 -0.77
N PRO A 160 -10.38 -9.87 -0.66
CA PRO A 160 -11.55 -10.17 0.18
C PRO A 160 -11.29 -9.90 1.66
N LYS A 161 -12.38 -9.65 2.40
CA LYS A 161 -12.33 -9.43 3.84
C LYS A 161 -11.84 -10.68 4.55
N GLN A 162 -12.19 -11.87 4.02
CA GLN A 162 -11.88 -13.15 4.63
C GLN A 162 -10.59 -13.80 4.11
N ALA A 163 -9.97 -14.57 5.00
CA ALA A 163 -8.80 -15.38 4.73
C ALA A 163 -8.96 -16.75 5.46
N SER A 164 -8.13 -17.73 5.14
CA SER A 164 -8.15 -19.03 5.77
C SER A 164 -7.07 -19.11 6.87
N LEU A 165 -7.48 -19.37 8.12
CA LEU A 165 -6.54 -19.55 9.21
C LEU A 165 -6.69 -21.00 9.73
N ASN A 166 -5.71 -21.87 9.41
CA ASN A 166 -5.71 -23.30 9.75
C ASN A 166 -6.96 -24.01 9.26
N GLY A 167 -7.42 -23.64 8.08
CA GLY A 167 -8.60 -24.23 7.45
C GLY A 167 -9.92 -23.58 7.81
N VAL A 168 -9.91 -22.58 8.68
CA VAL A 168 -11.12 -21.88 9.06
C VAL A 168 -11.18 -20.58 8.28
N THR A 169 -12.17 -20.42 7.42
CA THR A 169 -12.34 -19.19 6.67
C THR A 169 -13.03 -18.21 7.60
N LEU A 170 -12.45 -17.02 7.71
CA LEU A 170 -12.96 -16.04 8.65
C LEU A 170 -12.55 -14.63 8.29
N ILE A 171 -13.29 -13.68 8.82
CA ILE A 171 -13.00 -12.27 8.73
C ILE A 171 -12.40 -11.95 10.09
N GLY A 172 -11.13 -11.61 10.08
CA GLY A 172 -10.35 -11.39 11.29
C GLY A 172 -10.74 -10.21 12.13
N GLU A 173 -10.76 -10.42 13.46
CA GLU A 173 -11.02 -9.40 14.46
C GLU A 173 -9.76 -9.19 15.29
N ALA A 174 -9.09 -10.29 15.67
CA ALA A 174 -7.84 -10.25 16.42
C ALA A 174 -6.59 -10.27 15.51
N VAL A 175 -6.77 -10.66 14.24
CA VAL A 175 -5.76 -10.78 13.19
C VAL A 175 -6.30 -10.11 11.93
N LYS A 176 -5.41 -9.73 11.03
CA LYS A 176 -5.78 -9.12 9.77
C LYS A 176 -5.95 -10.23 8.74
N THR A 177 -7.10 -10.22 8.01
CA THR A 177 -7.41 -11.18 6.96
C THR A 177 -7.63 -10.50 5.59
N GLN A 178 -7.79 -9.15 5.56
CA GLN A 178 -7.97 -8.42 4.30
C GLN A 178 -6.61 -7.91 3.84
N PHE A 179 -6.14 -8.44 2.72
CA PHE A 179 -4.82 -8.10 2.21
C PHE A 179 -4.88 -7.19 0.98
N ASN A 180 -3.77 -6.54 0.71
CA ASN A 180 -3.57 -5.81 -0.52
C ASN A 180 -2.96 -6.87 -1.44
N TYR A 181 -3.44 -6.94 -2.67
CA TYR A 181 -2.96 -7.93 -3.63
C TYR A 181 -2.24 -7.26 -4.76
N TYR A 182 -1.16 -7.89 -5.20
CA TYR A 182 -0.31 -7.41 -6.29
C TYR A 182 0.07 -8.62 -7.14
N LYS A 183 0.24 -8.44 -8.45
CA LYS A 183 0.58 -9.53 -9.37
C LYS A 183 1.54 -9.01 -10.44
N LYS A 184 2.49 -9.85 -10.85
CA LYS A 184 3.47 -9.53 -11.86
C LYS A 184 3.52 -10.66 -12.85
N VAL A 185 3.45 -10.33 -14.13
CA VAL A 185 3.56 -11.29 -15.21
C VAL A 185 4.71 -10.78 -16.10
N ASP A 186 5.72 -11.62 -16.34
CA ASP A 186 6.88 -11.33 -17.19
C ASP A 186 7.63 -10.03 -16.82
N GLY A 187 7.82 -9.81 -15.51
CA GLY A 187 8.52 -8.65 -14.96
C GLY A 187 7.65 -7.42 -14.83
N VAL A 188 6.42 -7.49 -15.34
CA VAL A 188 5.55 -6.32 -15.36
C VAL A 188 4.42 -6.46 -14.36
N VAL A 189 4.32 -5.50 -13.43
CA VAL A 189 3.21 -5.44 -12.48
C VAL A 189 1.92 -5.26 -13.26
N GLN A 190 0.98 -6.16 -13.04
CA GLN A 190 -0.32 -6.18 -13.69
C GLN A 190 -1.39 -5.50 -12.86
N GLN A 191 -2.25 -4.76 -13.54
CA GLN A 191 -3.38 -4.09 -12.92
C GLN A 191 -4.42 -5.18 -12.67
N LEU A 192 -4.69 -5.47 -11.39
CA LEU A 192 -5.72 -6.44 -11.06
C LEU A 192 -7.07 -5.84 -11.38
N PRO A 193 -7.98 -6.62 -11.97
CA PRO A 193 -9.28 -6.04 -12.36
C PRO A 193 -10.19 -5.75 -11.19
N GLU A 194 -11.19 -4.86 -11.42
CA GLU A 194 -12.26 -4.59 -10.45
C GLU A 194 -13.04 -5.91 -10.35
N THR A 195 -13.30 -6.36 -9.12
CA THR A 195 -13.89 -7.66 -8.91
C THR A 195 -14.88 -7.72 -7.78
N TYR A 196 -15.81 -8.65 -7.90
CA TYR A 196 -16.70 -9.01 -6.81
C TYR A 196 -15.97 -10.10 -6.03
N PHE A 197 -16.40 -10.36 -4.80
CA PHE A 197 -15.84 -11.47 -4.04
C PHE A 197 -16.92 -12.42 -3.61
N THR A 198 -16.61 -13.73 -3.63
CA THR A 198 -17.52 -14.74 -3.10
C THR A 198 -17.40 -14.64 -1.57
N GLN A 199 -18.49 -14.97 -0.87
CA GLN A 199 -18.59 -14.82 0.58
C GLN A 199 -18.07 -15.99 1.39
N SER A 200 -17.78 -17.13 0.74
CA SER A 200 -17.20 -18.33 1.36
C SER A 200 -17.97 -18.90 2.57
N ARG A 201 -19.30 -18.88 2.53
CA ARG A 201 -20.14 -19.39 3.60
C ARG A 201 -20.46 -20.88 3.47
N ASN A 202 -20.90 -21.51 4.56
CA ASN A 202 -21.33 -22.91 4.61
C ASN A 202 -22.83 -22.93 4.55
N LEU A 203 -23.40 -24.05 4.11
CA LEU A 203 -24.84 -24.23 4.09
C LEU A 203 -25.39 -24.41 5.52
N GLN A 204 -24.66 -25.14 6.38
CA GLN A 204 -25.08 -25.42 7.75
C GLN A 204 -24.94 -24.20 8.68
N GLU A 205 -23.91 -23.37 8.47
CA GLU A 205 -23.73 -22.18 9.31
C GLU A 205 -23.87 -20.88 8.53
N PHE A 206 -24.86 -20.82 7.63
CA PHE A 206 -25.09 -19.63 6.81
C PHE A 206 -25.64 -18.45 7.57
N LYS A 207 -24.97 -17.29 7.47
CA LYS A 207 -25.41 -16.05 8.11
C LYS A 207 -25.53 -14.92 7.10
N PRO A 208 -26.69 -14.22 7.09
CA PRO A 208 -26.86 -13.10 6.17
C PRO A 208 -25.89 -11.94 6.49
N ARG A 209 -25.37 -11.29 5.45
CA ARG A 209 -24.41 -10.20 5.65
C ARG A 209 -24.90 -8.86 5.09
N SER A 210 -26.22 -8.67 5.02
CA SER A 210 -26.87 -7.44 4.57
C SER A 210 -28.37 -7.47 4.93
N GLN A 211 -29.05 -6.31 4.85
CA GLN A 211 -30.49 -6.25 5.12
C GLN A 211 -31.29 -7.01 4.06
N MET A 212 -30.81 -7.02 2.82
CA MET A 212 -31.46 -7.76 1.75
C MET A 212 -31.36 -9.28 1.98
N GLU A 213 -30.23 -9.75 2.51
CA GLU A 213 -30.05 -11.18 2.82
C GLU A 213 -30.90 -11.61 4.01
N ILE A 214 -31.12 -10.72 4.98
CA ILE A 214 -32.00 -10.98 6.12
C ILE A 214 -33.45 -11.11 5.62
N ASP A 215 -33.85 -10.25 4.69
CA ASP A 215 -35.18 -10.25 4.08
C ASP A 215 -35.39 -11.45 3.17
N PHE A 216 -34.33 -11.95 2.50
CA PHE A 216 -34.47 -13.12 1.65
C PHE A 216 -34.82 -14.34 2.50
N LEU A 217 -34.12 -14.50 3.61
CA LEU A 217 -34.28 -15.62 4.52
C LEU A 217 -35.55 -15.53 5.36
N GLU A 218 -36.00 -14.31 5.68
CA GLU A 218 -37.18 -14.16 6.54
C GLU A 218 -38.49 -14.03 5.76
N LEU A 219 -38.52 -13.21 4.71
CA LEU A 219 -39.72 -12.99 3.90
C LEU A 219 -40.03 -14.16 2.96
N ALA A 220 -41.32 -14.27 2.58
CA ALA A 220 -41.81 -15.24 1.61
C ALA A 220 -41.31 -14.83 0.22
N MET A 221 -41.25 -15.77 -0.72
CA MET A 221 -40.75 -15.49 -2.07
C MET A 221 -41.38 -14.26 -2.74
N ASP A 222 -42.72 -14.19 -2.76
CA ASP A 222 -43.43 -13.12 -3.44
C ASP A 222 -43.30 -11.75 -2.78
N GLU A 223 -43.28 -11.67 -1.42
CA GLU A 223 -43.12 -10.38 -0.78
C GLU A 223 -41.67 -9.88 -0.89
N PHE A 224 -40.67 -10.78 -0.94
CA PHE A 224 -39.28 -10.38 -1.12
C PHE A 224 -39.09 -9.79 -2.53
N ILE A 225 -39.59 -10.48 -3.56
CA ILE A 225 -39.49 -10.04 -4.95
C ILE A 225 -40.24 -8.71 -5.18
N GLU A 226 -41.32 -8.47 -4.43
CA GLU A 226 -42.05 -7.21 -4.51
C GLU A 226 -41.27 -6.10 -3.82
N ARG A 227 -40.73 -6.36 -2.60
CA ARG A 227 -39.97 -5.37 -1.84
C ARG A 227 -38.72 -4.87 -2.58
N TYR A 228 -37.97 -5.77 -3.21
CA TYR A 228 -36.73 -5.38 -3.90
C TYR A 228 -36.89 -5.17 -5.40
N LYS A 229 -38.13 -5.05 -5.89
CA LYS A 229 -38.49 -4.78 -7.28
C LYS A 229 -37.81 -5.75 -8.26
N LEU A 230 -37.86 -7.04 -7.94
CA LEU A 230 -37.21 -8.07 -8.77
C LEU A 230 -38.15 -8.79 -9.72
N GLU A 231 -39.31 -8.19 -10.04
CA GLU A 231 -40.27 -8.80 -10.98
C GLU A 231 -39.65 -8.84 -12.36
N GLY A 232 -39.74 -9.98 -13.03
CA GLY A 232 -39.17 -10.17 -14.35
C GLY A 232 -37.71 -10.58 -14.36
N TYR A 233 -37.11 -10.83 -13.19
CA TYR A 233 -35.70 -11.23 -13.08
C TYR A 233 -35.48 -12.73 -12.78
N ALA A 234 -36.55 -13.53 -12.86
CA ALA A 234 -36.55 -14.98 -12.66
C ALA A 234 -35.87 -15.46 -11.37
N PHE A 235 -36.03 -14.71 -10.25
CA PHE A 235 -35.47 -15.14 -8.97
C PHE A 235 -36.16 -16.41 -8.45
N GLU A 236 -37.45 -16.59 -8.81
CA GLU A 236 -38.24 -17.78 -8.48
C GLU A 236 -37.49 -19.05 -8.96
N HIS A 237 -36.88 -18.97 -10.17
CA HIS A 237 -36.11 -20.05 -10.77
C HIS A 237 -34.62 -20.05 -10.31
N ILE A 238 -33.88 -18.95 -10.57
CA ILE A 238 -32.45 -18.81 -10.29
C ILE A 238 -32.04 -18.93 -8.82
N VAL A 239 -32.72 -18.19 -7.93
CA VAL A 239 -32.30 -18.14 -6.53
C VAL A 239 -33.11 -19.07 -5.64
N TYR A 240 -34.43 -19.04 -5.76
CA TYR A 240 -35.30 -19.87 -4.93
C TYR A 240 -35.22 -21.33 -5.34
N GLY A 241 -35.20 -21.59 -6.64
CA GLY A 241 -35.15 -22.93 -7.17
C GLY A 241 -36.52 -23.51 -7.47
N ASP A 242 -36.61 -24.29 -8.54
CA ASP A 242 -37.84 -24.93 -8.98
C ASP A 242 -37.76 -26.44 -8.67
N PHE A 243 -38.57 -26.91 -7.74
CA PHE A 243 -38.54 -28.32 -7.35
C PHE A 243 -39.76 -29.10 -7.84
N SER A 244 -40.49 -28.59 -8.85
CA SER A 244 -41.70 -29.24 -9.33
C SER A 244 -41.49 -30.31 -10.40
N HIS A 245 -40.35 -30.27 -11.11
CA HIS A 245 -40.06 -31.26 -12.16
C HIS A 245 -38.93 -32.20 -11.76
N SER A 246 -38.72 -33.30 -12.52
CA SER A 246 -37.66 -34.24 -12.23
C SER A 246 -36.30 -33.57 -12.29
N GLN A 247 -36.11 -32.62 -13.20
CA GLN A 247 -34.89 -31.82 -13.24
C GLN A 247 -35.11 -30.58 -12.37
N LEU A 248 -34.23 -30.41 -11.38
CA LEU A 248 -34.24 -29.28 -10.47
C LEU A 248 -33.90 -28.01 -11.28
N GLY A 249 -34.75 -27.01 -11.17
CA GLY A 249 -34.58 -25.76 -11.90
C GLY A 249 -33.84 -24.71 -11.11
N GLY A 250 -32.88 -24.07 -11.74
CA GLY A 250 -32.08 -23.02 -11.13
C GLY A 250 -31.31 -23.47 -9.90
N LEU A 251 -31.41 -22.67 -8.81
CA LEU A 251 -30.74 -22.89 -7.53
C LEU A 251 -29.22 -22.73 -7.68
N HIS A 252 -28.81 -21.53 -8.10
CA HIS A 252 -27.39 -21.25 -8.34
C HIS A 252 -26.73 -20.34 -7.31
N LEU A 253 -27.50 -19.79 -6.36
CA LEU A 253 -26.93 -18.91 -5.33
C LEU A 253 -26.95 -19.65 -4.02
N LEU A 254 -25.83 -19.63 -3.25
CA LEU A 254 -25.75 -20.33 -1.97
C LEU A 254 -26.85 -19.94 -0.99
N ILE A 255 -27.24 -18.64 -0.97
CA ILE A 255 -28.30 -18.16 -0.10
C ILE A 255 -29.65 -18.86 -0.37
N GLY A 256 -29.90 -19.23 -1.62
CA GLY A 256 -31.12 -19.94 -2.02
C GLY A 256 -31.14 -21.35 -1.49
N LEU A 257 -29.98 -22.01 -1.52
CA LEU A 257 -29.78 -23.34 -0.98
C LEU A 257 -29.92 -23.30 0.56
N ALA A 258 -29.42 -22.23 1.21
CA ALA A 258 -29.49 -22.06 2.66
C ALA A 258 -30.95 -21.90 3.11
N LYS A 259 -31.74 -21.15 2.34
CA LYS A 259 -33.16 -20.93 2.67
C LYS A 259 -33.93 -22.26 2.57
N ARG A 260 -33.64 -23.05 1.52
CA ARG A 260 -34.26 -24.35 1.28
C ARG A 260 -33.85 -25.35 2.36
N PHE A 261 -32.58 -25.33 2.76
CA PHE A 261 -31.98 -26.21 3.77
C PHE A 261 -32.66 -26.14 5.16
N LYS A 262 -33.22 -24.98 5.50
CA LYS A 262 -33.94 -24.75 6.76
C LYS A 262 -35.26 -25.53 6.76
N GLU A 263 -35.93 -25.60 5.60
CA GLU A 263 -37.19 -26.31 5.49
C GLU A 263 -36.99 -27.81 5.23
N SER A 264 -36.24 -28.16 4.16
CA SER A 264 -36.03 -29.56 3.80
C SER A 264 -34.56 -29.86 3.49
N PRO A 265 -34.06 -31.07 3.79
CA PRO A 265 -32.66 -31.37 3.49
C PRO A 265 -32.44 -31.80 2.03
N PHE A 266 -31.17 -31.87 1.63
CA PHE A 266 -30.81 -32.31 0.30
C PHE A 266 -29.36 -32.79 0.21
N GLU A 267 -29.07 -33.65 -0.76
CA GLU A 267 -27.72 -34.17 -0.96
C GLU A 267 -27.01 -33.27 -1.96
N LEU A 268 -25.80 -32.81 -1.61
CA LEU A 268 -24.99 -32.01 -2.52
C LEU A 268 -23.75 -32.84 -2.76
N GLU A 269 -23.63 -33.47 -3.93
CA GLU A 269 -22.46 -34.27 -4.23
C GLU A 269 -21.37 -33.41 -4.88
N ASP A 270 -20.31 -33.17 -4.13
CA ASP A 270 -19.15 -32.40 -4.55
C ASP A 270 -18.24 -33.33 -5.38
N PHE A 271 -18.56 -33.54 -6.67
CA PHE A 271 -17.82 -34.48 -7.52
C PHE A 271 -16.40 -34.01 -7.94
N ILE A 272 -16.06 -32.71 -7.78
CA ILE A 272 -14.69 -32.23 -7.98
C ILE A 272 -14.35 -31.49 -6.69
N PRO A 273 -13.94 -32.19 -5.60
CA PRO A 273 -13.74 -31.52 -4.31
C PRO A 273 -12.48 -30.68 -4.16
N MET A 274 -12.65 -29.41 -4.41
CA MET A 274 -11.59 -28.43 -4.35
C MET A 274 -12.22 -27.04 -4.14
N ASP A 275 -11.43 -26.10 -3.73
CA ASP A 275 -11.89 -24.74 -3.52
C ASP A 275 -12.02 -24.06 -4.90
N SER A 276 -13.21 -23.57 -5.25
CA SER A 276 -13.39 -22.80 -6.47
C SER A 276 -14.51 -21.76 -6.33
N THR A 277 -14.39 -20.65 -7.08
CA THR A 277 -15.33 -19.53 -7.14
C THR A 277 -16.71 -20.03 -7.47
N VAL A 278 -16.81 -20.86 -8.51
CA VAL A 278 -18.06 -21.53 -8.82
C VAL A 278 -17.88 -23.01 -8.46
N LYS A 279 -18.82 -23.56 -7.71
CA LYS A 279 -18.79 -24.96 -7.34
C LYS A 279 -19.86 -25.73 -8.11
N ASN A 280 -19.59 -26.99 -8.47
CA ASN A 280 -20.58 -27.80 -9.20
C ASN A 280 -20.98 -28.96 -8.31
N TYR A 281 -22.30 -29.12 -8.09
CA TYR A 281 -22.80 -30.22 -7.25
C TYR A 281 -23.86 -31.03 -7.95
N PHE A 282 -23.89 -32.34 -7.65
CA PHE A 282 -24.97 -33.19 -8.14
C PHE A 282 -25.95 -33.10 -6.99
N ILE A 283 -27.05 -32.36 -7.16
CA ILE A 283 -28.00 -32.14 -6.08
C ILE A 283 -29.24 -33.05 -6.17
N THR A 284 -29.69 -33.55 -5.02
CA THR A 284 -30.91 -34.34 -4.94
C THR A 284 -31.73 -33.74 -3.81
N ASP A 285 -32.93 -33.22 -4.12
CA ASP A 285 -33.82 -32.67 -3.11
C ASP A 285 -34.52 -33.84 -2.43
N ALA A 286 -34.37 -33.98 -1.10
CA ALA A 286 -34.95 -35.10 -0.37
C ALA A 286 -36.47 -35.05 -0.25
N GLN A 287 -37.06 -33.86 -0.25
CA GLN A 287 -38.50 -33.73 -0.10
C GLN A 287 -39.25 -34.10 -1.39
N THR A 288 -38.78 -33.61 -2.53
CA THR A 288 -39.47 -33.81 -3.80
C THR A 288 -38.88 -34.88 -4.71
N GLY A 289 -37.58 -35.12 -4.63
CA GLY A 289 -36.91 -36.01 -5.57
C GLY A 289 -36.43 -35.27 -6.82
N SER A 290 -36.52 -33.93 -6.83
CA SER A 290 -36.02 -33.09 -7.92
C SER A 290 -34.50 -33.19 -7.88
N SER A 291 -33.85 -33.45 -9.01
CA SER A 291 -32.40 -33.56 -9.01
C SER A 291 -31.72 -32.91 -10.24
N LYS A 292 -30.43 -32.61 -10.13
CA LYS A 292 -29.66 -32.04 -11.23
C LYS A 292 -28.24 -32.53 -11.10
N CYS A 293 -27.71 -33.17 -12.16
CA CYS A 293 -26.36 -33.70 -12.19
C CYS A 293 -25.30 -32.66 -11.98
N VAL A 294 -25.45 -31.52 -12.65
CA VAL A 294 -24.49 -30.43 -12.56
C VAL A 294 -25.24 -29.18 -12.21
N CYS A 295 -25.20 -28.80 -10.95
CA CYS A 295 -25.84 -27.57 -10.49
C CYS A 295 -24.75 -26.65 -10.01
N SER A 296 -24.45 -25.62 -10.82
CA SER A 296 -23.42 -24.64 -10.49
C SER A 296 -23.94 -23.73 -9.38
N VAL A 297 -23.14 -23.54 -8.35
CA VAL A 297 -23.52 -22.72 -7.21
C VAL A 297 -22.40 -21.73 -6.94
N ILE A 298 -22.78 -20.49 -6.70
CA ILE A 298 -21.83 -19.45 -6.34
C ILE A 298 -22.32 -18.75 -5.07
N ASP A 299 -21.40 -18.43 -4.16
CA ASP A 299 -21.78 -17.70 -2.96
C ASP A 299 -21.47 -16.24 -3.12
N LEU A 300 -22.38 -15.51 -3.75
CA LEU A 300 -22.24 -14.06 -3.87
C LEU A 300 -23.14 -13.47 -2.81
N LEU A 301 -22.87 -12.24 -2.39
CA LEU A 301 -23.76 -11.49 -1.50
C LEU A 301 -25.01 -11.19 -2.37
N LEU A 302 -26.21 -11.40 -1.84
CA LEU A 302 -27.43 -11.23 -2.64
C LEU A 302 -27.52 -9.88 -3.34
N ASP A 303 -27.05 -8.82 -2.69
CA ASP A 303 -27.01 -7.46 -3.22
C ASP A 303 -26.11 -7.39 -4.45
N ASP A 304 -24.98 -8.13 -4.42
CA ASP A 304 -24.03 -8.19 -5.52
C ASP A 304 -24.60 -8.93 -6.71
N PHE A 305 -25.32 -10.03 -6.45
CA PHE A 305 -25.98 -10.81 -7.50
C PHE A 305 -27.10 -10.00 -8.15
N VAL A 306 -27.86 -9.24 -7.33
CA VAL A 306 -28.94 -8.36 -7.81
C VAL A 306 -28.36 -7.27 -8.71
N GLU A 307 -27.22 -6.68 -8.31
CA GLU A 307 -26.54 -5.65 -9.09
C GLU A 307 -26.07 -6.18 -10.45
N ILE A 308 -25.54 -7.43 -10.47
CA ILE A 308 -25.08 -8.07 -11.70
C ILE A 308 -26.25 -8.29 -12.68
N ILE A 309 -27.34 -8.93 -12.20
CA ILE A 309 -28.48 -9.26 -13.07
C ILE A 309 -29.24 -8.01 -13.51
N LYS A 310 -29.33 -6.98 -12.64
CA LYS A 310 -30.01 -5.74 -13.00
C LYS A 310 -29.17 -4.83 -13.91
N SER A 311 -27.90 -5.16 -14.13
CA SER A 311 -27.04 -4.38 -15.01
C SER A 311 -26.89 -5.04 -16.40
N GLN A 312 -27.76 -6.02 -16.73
CA GLN A 312 -27.68 -6.69 -18.02
C GLN A 312 -28.76 -6.24 -18.97
N ASP A 313 -28.45 -6.32 -20.27
CA ASP A 313 -29.42 -5.99 -21.30
C ASP A 313 -30.28 -7.24 -21.48
N LEU A 314 -31.60 -7.10 -21.32
CA LEU A 314 -32.52 -8.22 -21.42
C LEU A 314 -33.25 -8.33 -22.76
N SER A 315 -32.66 -7.79 -23.84
CA SER A 315 -33.31 -7.82 -25.16
C SER A 315 -32.82 -8.92 -26.12
N VAL A 316 -31.95 -9.82 -25.65
CA VAL A 316 -31.42 -10.89 -26.50
C VAL A 316 -31.81 -12.28 -25.95
N VAL A 317 -32.12 -13.24 -26.82
CA VAL A 317 -32.52 -14.59 -26.40
C VAL A 317 -31.46 -15.30 -25.53
N SER A 318 -30.20 -15.35 -25.99
CA SER A 318 -29.15 -16.01 -25.22
C SER A 318 -27.82 -15.34 -25.43
N LYS A 319 -27.09 -15.11 -24.34
CA LYS A 319 -25.76 -14.51 -24.44
C LYS A 319 -24.88 -14.83 -23.26
N VAL A 320 -23.56 -14.76 -23.48
CA VAL A 320 -22.60 -14.98 -22.43
C VAL A 320 -22.32 -13.64 -21.76
N VAL A 321 -22.45 -13.61 -20.43
CA VAL A 321 -22.22 -12.42 -19.61
C VAL A 321 -21.00 -12.72 -18.77
N LYS A 322 -19.93 -11.93 -18.91
CA LYS A 322 -18.71 -12.16 -18.17
C LYS A 322 -18.61 -11.24 -16.97
N VAL A 323 -18.44 -11.82 -15.79
CA VAL A 323 -18.39 -11.05 -14.55
C VAL A 323 -17.12 -11.43 -13.78
N THR A 324 -16.31 -10.45 -13.37
CA THR A 324 -15.11 -10.70 -12.61
C THR A 324 -15.45 -10.97 -11.14
N ILE A 325 -15.14 -12.18 -10.67
CA ILE A 325 -15.41 -12.62 -9.31
C ILE A 325 -14.18 -13.35 -8.82
N ASP A 326 -13.61 -12.90 -7.71
CA ASP A 326 -12.40 -13.47 -7.11
C ASP A 326 -11.21 -13.37 -8.05
N TYR A 327 -11.15 -12.24 -8.82
CA TYR A 327 -10.15 -11.87 -9.83
C TYR A 327 -10.25 -12.68 -11.13
N THR A 328 -11.18 -13.64 -11.21
CA THR A 328 -11.33 -14.45 -12.42
C THR A 328 -12.60 -14.07 -13.18
N GLU A 329 -12.57 -14.24 -14.50
CA GLU A 329 -13.73 -13.98 -15.34
C GLU A 329 -14.69 -15.17 -15.28
N ILE A 330 -15.88 -14.95 -14.74
CA ILE A 330 -16.88 -15.99 -14.65
C ILE A 330 -17.91 -15.77 -15.74
N SER A 331 -18.04 -16.75 -16.64
CA SER A 331 -19.05 -16.66 -17.71
C SER A 331 -20.38 -17.13 -17.17
N PHE A 332 -21.41 -16.36 -17.45
CA PHE A 332 -22.77 -16.65 -17.06
C PHE A 332 -23.57 -16.76 -18.33
N MET A 333 -24.56 -17.61 -18.31
CA MET A 333 -25.45 -17.76 -19.44
C MET A 333 -26.72 -17.01 -19.12
N LEU A 334 -27.07 -16.03 -19.96
CA LEU A 334 -28.26 -15.21 -19.74
C LEU A 334 -29.30 -15.51 -20.82
N TRP A 335 -30.43 -16.04 -20.40
CA TRP A 335 -31.51 -16.39 -21.31
C TRP A 335 -32.70 -15.49 -21.05
N CYS A 336 -33.15 -14.78 -22.07
CA CYS A 336 -34.26 -13.85 -21.93
C CYS A 336 -35.39 -14.13 -22.94
N LYS A 337 -36.57 -13.54 -22.68
CA LYS A 337 -37.74 -13.64 -23.55
C LYS A 337 -38.65 -12.47 -23.22
N ASP A 338 -39.12 -11.72 -24.24
CA ASP A 338 -40.01 -10.56 -24.10
C ASP A 338 -39.58 -9.52 -23.06
N GLY A 339 -38.27 -9.29 -22.95
CA GLY A 339 -37.73 -8.30 -22.02
C GLY A 339 -37.57 -8.78 -20.58
N HIS A 340 -37.85 -10.06 -20.32
CA HIS A 340 -37.69 -10.60 -18.97
C HIS A 340 -36.69 -11.75 -18.92
N VAL A 341 -36.08 -11.98 -17.75
CA VAL A 341 -35.13 -13.06 -17.56
C VAL A 341 -35.88 -14.38 -17.50
N GLU A 342 -35.30 -15.43 -18.11
CA GLU A 342 -35.83 -16.78 -18.04
C GLU A 342 -34.90 -17.55 -17.10
N THR A 343 -33.58 -17.48 -17.36
CA THR A 343 -32.54 -18.05 -16.49
C THR A 343 -31.22 -17.30 -16.62
N PHE A 344 -30.40 -17.38 -15.56
CA PHE A 344 -29.08 -16.76 -15.47
C PHE A 344 -28.25 -17.70 -14.59
N TYR A 345 -27.17 -18.28 -15.12
CA TYR A 345 -26.40 -19.27 -14.36
C TYR A 345 -24.92 -19.26 -14.70
N PRO A 346 -24.04 -19.60 -13.73
CA PRO A 346 -22.60 -19.68 -14.04
C PRO A 346 -22.37 -20.83 -15.02
N LYS A 347 -22.16 -20.48 -16.32
CA LYS A 347 -21.98 -21.35 -17.50
C LYS A 347 -21.05 -22.54 -17.29
N LEU A 348 -21.60 -23.75 -17.52
CA LEU A 348 -20.90 -25.02 -17.38
C LEU A 348 -19.97 -25.23 -18.57
N GLN A 349 -18.66 -25.29 -18.32
CA GLN A 349 -17.64 -25.43 -19.35
C GLN A 349 -17.51 -26.84 -19.94
N ALA B 2 11.18 38.50 30.46
CA ALA B 2 11.22 39.95 30.29
C ALA B 2 11.61 40.26 28.85
N MET B 3 10.83 39.69 27.93
CA MET B 3 11.01 39.80 26.49
C MET B 3 10.74 41.22 25.95
N SER B 4 11.58 41.66 25.02
CA SER B 4 11.45 42.96 24.42
C SER B 4 12.09 43.03 23.04
N LEU B 5 11.69 44.03 22.24
CA LEU B 5 12.22 44.29 20.92
C LEU B 5 13.72 44.58 21.01
N GLU B 6 14.10 45.46 21.96
CA GLU B 6 15.47 45.88 22.22
C GLU B 6 16.35 44.74 22.71
N ASN B 7 15.78 43.83 23.50
CA ASN B 7 16.49 42.65 23.96
C ASN B 7 16.68 41.63 22.83
N VAL B 8 15.66 41.41 21.99
CA VAL B 8 15.75 40.51 20.85
C VAL B 8 16.87 41.01 19.91
N ALA B 9 16.86 42.33 19.60
CA ALA B 9 17.89 42.97 18.77
C ALA B 9 19.28 42.87 19.39
N PHE B 10 19.41 43.03 20.73
CA PHE B 10 20.68 42.89 21.43
C PHE B 10 21.28 41.49 21.17
N ASN B 11 20.42 40.47 21.23
CA ASN B 11 20.83 39.09 21.02
C ASN B 11 21.25 38.89 19.60
N VAL B 12 20.49 39.42 18.63
CA VAL B 12 20.83 39.29 17.22
C VAL B 12 22.22 39.89 16.93
N VAL B 13 22.45 41.12 17.41
CA VAL B 13 23.70 41.83 17.25
C VAL B 13 24.87 41.09 17.89
N ASN B 14 24.73 40.63 19.14
CA ASN B 14 25.84 39.99 19.86
C ASN B 14 26.00 38.50 19.70
N LYS B 15 24.91 37.77 19.50
CA LYS B 15 24.93 36.31 19.43
C LYS B 15 24.53 35.71 18.06
N GLY B 16 24.16 36.55 17.11
CA GLY B 16 23.77 36.09 15.79
C GLY B 16 22.36 35.54 15.67
N HIS B 17 21.64 35.50 16.79
CA HIS B 17 20.28 34.99 16.93
C HIS B 17 19.87 35.15 18.42
N PHE B 18 18.60 34.82 18.76
CA PHE B 18 18.16 34.92 20.14
C PHE B 18 18.83 33.82 20.95
N ASP B 19 19.50 34.21 22.03
CA ASP B 19 20.25 33.29 22.87
C ASP B 19 19.98 33.51 24.39
N GLY B 20 18.88 34.19 24.73
CA GLY B 20 18.48 34.43 26.11
C GLY B 20 19.42 35.30 26.93
N GLN B 21 20.18 36.17 26.26
CA GLN B 21 21.11 37.05 26.95
C GLN B 21 20.46 38.35 27.36
N GLN B 22 20.88 38.91 28.50
CA GLN B 22 20.36 40.17 28.97
C GLN B 22 21.05 41.29 28.20
N GLY B 23 20.31 42.36 27.95
CA GLY B 23 20.85 43.51 27.25
C GLY B 23 19.85 44.13 26.31
N GLU B 24 20.09 45.37 25.92
CA GLU B 24 19.19 46.11 25.04
C GLU B 24 20.03 46.98 24.10
N VAL B 25 19.64 47.05 22.82
CA VAL B 25 20.29 47.94 21.86
C VAL B 25 19.21 48.87 21.29
N PRO B 26 19.54 50.13 20.96
CA PRO B 26 18.50 51.02 20.40
C PRO B 26 18.02 50.51 19.05
N VAL B 27 16.71 50.51 18.86
CA VAL B 27 16.09 49.97 17.64
C VAL B 27 15.20 51.00 17.00
N SER B 28 15.16 50.98 15.68
CA SER B 28 14.23 51.82 14.94
C SER B 28 13.49 50.97 13.91
N ILE B 29 12.18 51.10 13.87
CA ILE B 29 11.35 50.36 12.92
C ILE B 29 10.80 51.31 11.88
N ILE B 30 11.12 51.07 10.61
CA ILE B 30 10.66 51.89 9.49
C ILE B 30 10.28 50.93 8.40
N ASN B 31 9.19 51.16 7.64
N ASN B 31 8.95 51.01 8.23
CA ASN B 31 8.84 50.35 6.45
CA ASN B 31 8.02 50.25 7.44
C ASN B 31 9.36 48.86 6.37
C ASN B 31 8.09 48.82 7.93
N ASN B 32 8.74 47.97 7.19
CA ASN B 32 8.95 46.54 7.41
C ASN B 32 10.40 46.16 7.68
N THR B 33 11.18 47.08 8.19
CA THR B 33 12.59 46.84 8.45
C THR B 33 12.93 47.24 9.87
N VAL B 34 13.77 46.42 10.51
CA VAL B 34 14.27 46.70 11.83
C VAL B 34 15.72 47.15 11.69
N TYR B 35 16.07 48.30 12.27
CA TYR B 35 17.43 48.83 12.26
C TYR B 35 17.94 48.97 13.68
N THR B 36 19.26 49.07 13.82
CA THR B 36 19.92 49.38 15.06
C THR B 36 20.99 50.46 14.80
N LYS B 37 21.22 51.32 15.79
CA LYS B 37 22.21 52.37 15.65
C LYS B 37 23.58 51.82 15.99
N VAL B 38 24.53 51.93 15.06
CA VAL B 38 25.92 51.51 15.24
C VAL B 38 26.81 52.66 14.78
N ASP B 39 27.64 53.22 15.68
CA ASP B 39 28.54 54.33 15.33
C ASP B 39 27.77 55.52 14.74
N GLY B 40 26.61 55.79 15.32
CA GLY B 40 25.75 56.89 14.91
C GLY B 40 24.86 56.65 13.70
N VAL B 41 25.04 55.55 12.95
CA VAL B 41 24.21 55.28 11.76
C VAL B 41 23.36 54.05 11.90
N ASP B 42 22.24 53.99 11.15
CA ASP B 42 21.32 52.86 11.18
C ASP B 42 21.79 51.70 10.33
N VAL B 43 21.76 50.51 10.90
CA VAL B 43 22.20 49.30 10.24
C VAL B 43 21.04 48.34 10.26
N GLU B 44 20.67 47.83 9.09
CA GLU B 44 19.55 46.91 8.91
C GLU B 44 19.82 45.57 9.58
N LEU B 45 18.89 45.12 10.45
CA LEU B 45 18.98 43.82 11.11
C LEU B 45 18.03 42.81 10.51
N PHE B 46 16.89 43.28 9.96
CA PHE B 46 15.87 42.37 9.49
C PHE B 46 14.88 43.04 8.58
N GLU B 47 14.56 42.38 7.48
CA GLU B 47 13.53 42.85 6.58
C GLU B 47 12.39 41.85 6.59
N ASN B 48 11.23 42.29 7.06
CA ASN B 48 10.03 41.49 7.15
C ASN B 48 9.46 41.18 5.76
N LYS B 49 9.52 39.89 5.39
CA LYS B 49 8.92 39.35 4.16
C LYS B 49 7.65 38.52 4.48
N THR B 50 7.20 38.50 5.73
CA THR B 50 6.06 37.76 6.25
C THR B 50 4.80 38.68 6.26
N THR B 51 3.65 38.05 6.53
CA THR B 51 2.38 38.72 6.72
C THR B 51 2.12 39.08 8.21
N LEU B 52 3.09 38.82 9.10
CA LEU B 52 2.99 39.16 10.52
C LEU B 52 3.52 40.58 10.71
N PRO B 53 3.16 41.27 11.82
CA PRO B 53 3.78 42.58 12.09
C PRO B 53 5.31 42.46 12.19
N VAL B 54 6.04 43.45 11.66
CA VAL B 54 7.50 43.50 11.56
C VAL B 54 8.22 43.11 12.84
N ASN B 55 7.79 43.61 14.01
CA ASN B 55 8.47 43.30 15.28
C ASN B 55 8.22 41.87 15.74
N VAL B 56 7.05 41.31 15.40
CA VAL B 56 6.67 39.95 15.73
C VAL B 56 7.47 39.00 14.84
N ALA B 57 7.55 39.26 13.53
CA ALA B 57 8.31 38.42 12.62
C ALA B 57 9.81 38.44 12.95
N PHE B 58 10.33 39.61 13.39
CA PHE B 58 11.73 39.77 13.78
C PHE B 58 12.04 38.87 14.94
N GLU B 59 11.15 38.83 15.95
CA GLU B 59 11.33 38.00 17.13
C GLU B 59 11.26 36.50 16.80
N LEU B 60 10.36 36.10 15.90
CA LEU B 60 10.24 34.70 15.51
C LEU B 60 11.44 34.25 14.70
N TRP B 61 11.96 35.12 13.84
CA TRP B 61 13.17 34.82 13.07
C TRP B 61 14.38 34.71 14.02
N ALA B 62 14.53 35.64 14.99
CA ALA B 62 15.60 35.57 15.97
C ALA B 62 15.53 34.26 16.78
N LYS B 63 14.30 33.80 17.09
CA LYS B 63 14.06 32.59 17.87
C LYS B 63 13.96 31.31 17.05
N ARG B 64 14.42 31.33 15.79
CA ARG B 64 14.43 30.20 14.88
C ARG B 64 15.32 29.09 15.39
N ASN B 65 15.00 27.86 14.98
CA ASN B 65 15.77 26.69 15.34
C ASN B 65 17.05 26.69 14.50
N ILE B 66 18.18 26.68 15.16
CA ILE B 66 19.50 26.67 14.51
C ILE B 66 20.17 25.28 14.57
N LYS B 67 19.39 24.23 14.82
CA LYS B 67 19.87 22.87 14.78
C LYS B 67 19.33 22.30 13.48
N PRO B 68 19.92 21.21 12.92
CA PRO B 68 19.32 20.61 11.70
C PRO B 68 17.89 20.18 11.99
N VAL B 69 16.92 20.70 11.24
CA VAL B 69 15.52 20.35 11.45
C VAL B 69 14.92 19.72 10.19
N PRO B 70 13.80 18.96 10.32
CA PRO B 70 13.16 18.43 9.09
C PRO B 70 12.81 19.57 8.13
N GLU B 71 12.93 19.31 6.83
CA GLU B 71 12.57 20.31 5.82
C GLU B 71 11.07 20.52 5.89
N VAL B 72 10.61 21.76 5.75
CA VAL B 72 9.20 22.15 5.83
C VAL B 72 8.27 21.22 5.02
N LYS B 73 8.65 20.78 3.79
CA LYS B 73 7.83 19.86 3.00
C LYS B 73 7.51 18.55 3.76
N ILE B 74 8.46 18.02 4.57
CA ILE B 74 8.25 16.81 5.38
C ILE B 74 7.26 17.10 6.50
N LEU B 75 7.44 18.22 7.19
CA LEU B 75 6.56 18.62 8.28
C LEU B 75 5.13 18.85 7.81
N ASN B 76 4.95 19.46 6.63
CA ASN B 76 3.64 19.72 6.05
C ASN B 76 2.97 18.41 5.65
N ASN B 77 3.75 17.50 5.03
CA ASN B 77 3.23 16.21 4.57
C ASN B 77 2.79 15.33 5.73
N LEU B 78 3.43 15.50 6.91
CA LEU B 78 3.07 14.79 8.13
C LEU B 78 1.95 15.50 8.93
N GLY B 79 1.41 16.58 8.41
CA GLY B 79 0.33 17.31 9.07
C GLY B 79 0.71 18.15 10.27
N VAL B 80 1.98 18.57 10.38
CA VAL B 80 2.44 19.40 11.50
C VAL B 80 1.79 20.79 11.46
N ASP B 81 1.13 21.16 12.56
CA ASP B 81 0.44 22.44 12.68
C ASP B 81 1.26 23.47 13.43
N ILE B 82 2.02 23.02 14.43
CA ILE B 82 2.74 23.90 15.33
C ILE B 82 3.98 23.19 15.88
N ALA B 83 4.98 23.94 16.33
CA ALA B 83 6.18 23.34 16.92
C ALA B 83 6.17 23.54 18.43
N ALA B 84 6.74 22.60 19.19
CA ALA B 84 6.82 22.73 20.63
C ALA B 84 8.06 23.50 21.06
N ASN B 85 7.87 24.74 21.56
CA ASN B 85 8.89 25.60 22.15
C ASN B 85 10.08 25.92 21.27
N THR B 86 9.82 26.10 19.99
CA THR B 86 10.79 26.45 18.95
C THR B 86 10.04 27.07 17.76
N VAL B 87 10.78 27.68 16.84
CA VAL B 87 10.25 28.22 15.60
C VAL B 87 10.96 27.50 14.48
N ILE B 88 10.21 26.83 13.59
CA ILE B 88 10.77 26.24 12.41
C ILE B 88 10.65 27.34 11.36
N TRP B 89 11.79 27.93 10.98
CA TRP B 89 11.80 29.01 10.01
C TRP B 89 11.80 28.42 8.61
N ASP B 90 10.89 28.91 7.77
CA ASP B 90 10.76 28.50 6.39
C ASP B 90 11.62 29.48 5.57
N TYR B 91 12.81 29.03 5.14
CA TYR B 91 13.73 29.84 4.37
C TYR B 91 13.33 30.01 2.92
N LYS B 92 12.45 29.15 2.40
CA LYS B 92 11.95 29.31 1.04
C LYS B 92 10.90 30.41 0.98
N ARG B 93 10.13 30.61 2.06
CA ARG B 93 9.16 31.69 2.14
C ARG B 93 9.64 32.90 2.93
N ASP B 94 10.81 32.80 3.62
CA ASP B 94 11.37 33.83 4.53
C ASP B 94 10.30 34.16 5.58
N ALA B 95 9.72 33.12 6.17
CA ALA B 95 8.61 33.28 7.10
C ALA B 95 8.55 32.09 8.04
N PRO B 96 7.85 32.20 9.18
CA PRO B 96 7.71 31.01 10.05
C PRO B 96 6.91 29.92 9.32
N ALA B 97 7.31 28.65 9.46
CA ALA B 97 6.61 27.55 8.82
C ALA B 97 5.18 27.37 9.36
N HIS B 98 4.91 27.83 10.59
CA HIS B 98 3.64 27.67 11.29
C HIS B 98 3.07 29.02 11.72
N ILE B 99 1.74 29.15 11.81
CA ILE B 99 1.05 30.39 12.18
C ILE B 99 1.30 30.80 13.63
N SER B 100 1.20 29.83 14.54
CA SER B 100 1.29 30.07 15.97
C SER B 100 2.51 29.39 16.58
N THR B 101 2.79 29.76 17.82
CA THR B 101 3.90 29.19 18.57
C THR B 101 3.41 28.66 19.94
N ILE B 102 4.29 27.92 20.62
CA ILE B 102 4.09 27.41 21.97
C ILE B 102 5.37 27.77 22.71
N GLY B 103 5.27 28.61 23.74
CA GLY B 103 6.41 29.03 24.55
C GLY B 103 7.52 29.81 23.85
N VAL B 104 7.19 30.56 22.79
CA VAL B 104 8.19 31.31 22.04
C VAL B 104 8.05 32.86 22.10
N CYS B 105 6.89 33.39 21.72
CA CYS B 105 6.67 34.82 21.59
C CYS B 105 5.27 35.12 22.10
N SER B 106 5.12 36.13 22.94
CA SER B 106 3.82 36.45 23.54
C SER B 106 2.75 36.83 22.53
N MET B 107 3.14 37.46 21.40
CA MET B 107 2.20 37.83 20.34
C MET B 107 1.66 36.62 19.55
N THR B 108 2.49 35.57 19.31
CA THR B 108 2.04 34.42 18.52
C THR B 108 1.65 33.18 19.35
N ASP B 109 1.99 33.15 20.63
CA ASP B 109 1.71 32.01 21.51
C ASP B 109 0.27 31.71 21.74
N ILE B 110 -0.12 30.45 21.51
CA ILE B 110 -1.44 29.98 21.87
C ILE B 110 -1.40 29.28 23.26
N ALA B 111 -0.20 28.89 23.71
CA ALA B 111 0.11 28.18 24.95
C ALA B 111 1.59 28.36 25.26
N LYS B 112 1.98 28.16 26.52
CA LYS B 112 3.37 28.20 26.94
C LYS B 112 3.99 26.78 26.94
N LYS B 113 3.17 25.74 27.15
CA LYS B 113 3.59 24.34 27.15
C LYS B 113 2.68 23.53 26.22
N PRO B 114 3.23 22.51 25.50
CA PRO B 114 2.36 21.70 24.62
C PRO B 114 1.35 20.82 25.36
N THR B 115 1.37 20.82 26.70
CA THR B 115 0.43 20.09 27.54
C THR B 115 -0.90 20.83 27.72
N GLU B 116 -0.99 22.10 27.32
CA GLU B 116 -2.23 22.86 27.46
C GLU B 116 -3.30 22.29 26.52
N THR B 117 -4.57 22.29 26.95
CA THR B 117 -5.65 21.66 26.20
C THR B 117 -5.82 22.25 24.79
N ILE B 118 -5.39 23.51 24.54
CA ILE B 118 -5.45 24.11 23.20
C ILE B 118 -4.57 23.33 22.19
N CYS B 119 -3.50 22.67 22.67
CA CYS B 119 -2.57 21.92 21.83
C CYS B 119 -3.00 20.48 21.55
N ALA B 120 -3.92 19.92 22.36
CA ALA B 120 -4.37 18.55 22.17
C ALA B 120 -4.86 18.24 20.74
N PRO B 121 -5.74 19.06 20.10
CA PRO B 121 -6.17 18.72 18.72
C PRO B 121 -5.16 19.07 17.62
N LEU B 122 -4.10 19.84 17.93
CA LEU B 122 -3.10 20.21 16.95
C LEU B 122 -1.98 19.20 16.88
N THR B 123 -1.43 18.97 15.68
CA THR B 123 -0.29 18.06 15.53
C THR B 123 0.95 18.88 15.86
N VAL B 124 1.47 18.66 17.07
CA VAL B 124 2.61 19.36 17.61
C VAL B 124 3.91 18.67 17.20
N PHE B 125 4.90 19.45 16.78
CA PHE B 125 6.20 18.91 16.43
C PHE B 125 7.06 18.85 17.69
N PHE B 126 7.59 17.66 17.99
CA PHE B 126 8.46 17.40 19.14
C PHE B 126 9.83 16.96 18.63
N ASP B 127 10.86 17.40 19.33
CA ASP B 127 12.26 17.14 19.01
C ASP B 127 12.90 16.40 20.20
N GLY B 128 13.17 15.11 20.02
CA GLY B 128 13.79 14.25 21.02
C GLY B 128 15.16 14.70 21.47
N ARG B 129 15.78 15.61 20.72
CA ARG B 129 17.07 16.17 21.11
C ARG B 129 16.94 17.19 22.27
N VAL B 130 15.72 17.69 22.53
CA VAL B 130 15.45 18.60 23.62
C VAL B 130 14.92 17.76 24.79
N ASP B 131 15.47 17.97 25.99
CA ASP B 131 15.04 17.24 27.18
C ASP B 131 13.53 17.32 27.41
N GLY B 132 12.94 16.17 27.74
CA GLY B 132 11.51 16.07 28.03
C GLY B 132 10.56 16.10 26.85
N GLN B 133 11.05 16.24 25.60
CA GLN B 133 10.13 16.30 24.44
C GLN B 133 9.65 14.93 23.98
N VAL B 134 10.43 13.86 24.22
CA VAL B 134 9.97 12.50 23.91
C VAL B 134 8.78 12.17 24.83
N ASP B 135 8.87 12.54 26.13
CA ASP B 135 7.79 12.32 27.09
C ASP B 135 6.57 13.18 26.79
N LEU B 136 6.78 14.40 26.28
CA LEU B 136 5.68 15.29 25.90
C LEU B 136 4.92 14.72 24.69
N PHE B 137 5.62 14.02 23.78
CA PHE B 137 5.01 13.36 22.63
C PHE B 137 4.16 12.18 23.13
N ARG B 138 4.68 11.40 24.10
CA ARG B 138 3.95 10.28 24.70
C ARG B 138 2.65 10.74 25.33
N ASN B 139 2.64 11.93 25.95
CA ASN B 139 1.41 12.44 26.56
C ASN B 139 0.53 13.27 25.60
N ALA B 140 1.04 13.67 24.41
CA ALA B 140 0.27 14.46 23.44
C ALA B 140 -0.77 13.64 22.70
N ARG B 141 -1.93 14.28 22.43
CA ARG B 141 -2.98 13.60 21.68
C ARG B 141 -2.54 13.52 20.21
N ASN B 142 -2.05 14.63 19.67
CA ASN B 142 -1.56 14.67 18.29
C ASN B 142 -0.17 15.23 18.26
N GLY B 143 0.67 14.62 17.45
CA GLY B 143 2.04 15.05 17.34
C GLY B 143 2.90 14.24 16.41
N VAL B 144 4.06 14.81 16.11
CA VAL B 144 5.10 14.23 15.27
C VAL B 144 6.39 14.37 16.06
N LEU B 145 7.17 13.29 16.17
CA LEU B 145 8.39 13.29 16.95
C LEU B 145 9.58 12.91 16.08
N ILE B 146 10.70 13.61 16.26
CA ILE B 146 11.95 13.24 15.61
C ILE B 146 12.97 12.88 16.69
N THR B 147 13.74 11.82 16.47
CA THR B 147 14.79 11.43 17.40
C THR B 147 16.05 11.04 16.63
N GLU B 148 17.19 11.01 17.31
CA GLU B 148 18.44 10.56 16.71
C GLU B 148 18.69 9.05 16.93
N GLY B 149 17.97 8.44 17.88
CA GLY B 149 18.09 7.04 18.22
C GLY B 149 16.76 6.38 18.55
N SER B 150 16.81 5.20 19.17
CA SER B 150 15.60 4.45 19.47
C SER B 150 14.80 4.96 20.64
N VAL B 151 13.48 4.78 20.55
CA VAL B 151 12.53 5.13 21.59
C VAL B 151 11.94 3.80 22.08
N LYS B 152 12.02 3.53 23.39
CA LYS B 152 11.51 2.27 23.93
C LYS B 152 10.01 2.06 23.61
N GLY B 153 9.67 0.88 23.08
CA GLY B 153 8.30 0.54 22.71
C GLY B 153 7.84 1.06 21.36
N LEU B 154 8.26 2.27 20.95
CA LEU B 154 7.85 2.83 19.67
C LEU B 154 8.70 2.36 18.53
N GLN B 155 8.06 1.86 17.45
CA GLN B 155 8.75 1.42 16.25
C GLN B 155 8.97 2.63 15.33
N PRO B 156 10.22 2.82 14.85
CA PRO B 156 10.55 4.02 14.08
C PRO B 156 10.36 3.94 12.58
N SER B 157 10.34 5.12 11.98
CA SER B 157 10.29 5.29 10.54
C SER B 157 11.54 6.08 10.22
N VAL B 158 12.45 5.51 9.42
CA VAL B 158 13.68 6.19 9.07
C VAL B 158 13.40 7.27 8.04
N GLY B 159 13.59 8.53 8.45
CA GLY B 159 13.34 9.66 7.58
C GLY B 159 14.41 9.88 6.55
N PRO B 160 14.35 11.02 5.86
CA PRO B 160 15.39 11.30 4.86
C PRO B 160 16.77 11.52 5.49
N LYS B 161 17.82 11.27 4.69
CA LYS B 161 19.21 11.49 5.10
C LYS B 161 19.46 12.95 5.39
N GLN B 162 18.80 13.84 4.64
CA GLN B 162 19.01 15.28 4.74
C GLN B 162 18.03 16.01 5.67
N ALA B 163 18.52 17.12 6.23
CA ALA B 163 17.76 18.04 7.05
C ALA B 163 18.18 19.49 6.69
N SER B 164 17.42 20.49 7.15
CA SER B 164 17.72 21.89 6.91
C SER B 164 18.46 22.49 8.13
N LEU B 165 19.67 23.01 7.94
CA LEU B 165 20.40 23.68 9.01
C LEU B 165 20.61 25.14 8.57
N ASN B 166 19.85 26.07 9.19
CA ASN B 166 19.86 27.50 8.88
C ASN B 166 19.58 27.77 7.41
N GLY B 167 18.68 26.98 6.83
CA GLY B 167 18.29 27.13 5.44
C GLY B 167 19.12 26.36 4.44
N VAL B 168 20.16 25.67 4.90
CA VAL B 168 21.00 24.88 4.04
C VAL B 168 20.57 23.43 4.18
N THR B 169 20.07 22.84 3.11
CA THR B 169 19.69 21.45 3.12
C THR B 169 20.95 20.64 2.93
N LEU B 170 21.18 19.68 3.81
CA LEU B 170 22.42 18.93 3.78
C LEU B 170 22.29 17.57 4.47
N ILE B 171 23.20 16.68 4.13
CA ILE B 171 23.34 15.40 4.76
C ILE B 171 24.54 15.61 5.66
N GLY B 172 24.27 15.55 6.96
CA GLY B 172 25.24 15.84 8.00
C GLY B 172 26.41 14.90 8.10
N GLU B 173 27.61 15.48 8.30
CA GLU B 173 28.85 14.75 8.54
C GLU B 173 29.33 15.06 9.94
N ALA B 174 29.24 16.31 10.38
CA ALA B 174 29.61 16.72 11.74
C ALA B 174 28.41 16.71 12.71
N VAL B 175 27.19 16.70 12.17
CA VAL B 175 25.90 16.70 12.87
C VAL B 175 25.03 15.61 12.27
N LYS B 176 24.03 15.13 13.03
CA LYS B 176 23.11 14.15 12.51
C LYS B 176 21.90 14.85 11.90
N THR B 177 21.55 14.45 10.67
CA THR B 177 20.42 15.00 9.93
C THR B 177 19.35 13.92 9.60
N GLN B 178 19.65 12.61 9.79
CA GLN B 178 18.68 11.55 9.53
C GLN B 178 17.98 11.21 10.83
N PHE B 179 16.68 11.49 10.89
CA PHE B 179 15.92 11.29 12.10
C PHE B 179 15.00 10.08 12.02
N ASN B 180 14.61 9.59 13.20
CA ASN B 180 13.58 8.59 13.32
C ASN B 180 12.32 9.43 13.44
N TYR B 181 11.27 9.04 12.75
CA TYR B 181 10.03 9.78 12.75
C TYR B 181 8.94 8.95 13.38
N TYR B 182 8.12 9.61 14.19
CA TYR B 182 6.99 9.02 14.88
C TYR B 182 5.83 9.98 14.75
N LYS B 183 4.62 9.45 14.82
CA LYS B 183 3.43 10.26 14.66
C LYS B 183 2.31 9.62 15.43
N LYS B 184 1.51 10.46 16.07
CA LYS B 184 0.36 10.07 16.83
C LYS B 184 -0.80 10.88 16.33
N VAL B 185 -1.95 10.22 16.15
CA VAL B 185 -3.21 10.82 15.75
C VAL B 185 -4.22 10.32 16.79
N ASP B 186 -4.93 11.26 17.45
CA ASP B 186 -5.94 11.00 18.49
C ASP B 186 -5.50 10.04 19.60
N GLY B 187 -4.25 10.21 20.02
CA GLY B 187 -3.63 9.42 21.08
C GLY B 187 -3.02 8.11 20.64
N VAL B 188 -3.19 7.71 19.36
CA VAL B 188 -2.71 6.44 18.82
C VAL B 188 -1.43 6.60 17.98
N VAL B 189 -0.38 5.83 18.29
CA VAL B 189 0.86 5.85 17.51
C VAL B 189 0.60 5.21 16.16
N GLN B 190 0.74 5.99 15.13
CA GLN B 190 0.51 5.58 13.76
C GLN B 190 1.63 4.71 13.21
N GLN B 191 1.29 3.89 12.21
CA GLN B 191 2.28 3.12 11.48
C GLN B 191 2.55 3.95 10.25
N LEU B 192 3.70 4.65 10.23
CA LEU B 192 4.06 5.48 9.09
C LEU B 192 4.29 4.61 7.87
N PRO B 193 3.84 5.08 6.69
CA PRO B 193 3.92 4.23 5.50
C PRO B 193 5.31 4.17 4.87
N GLU B 194 5.53 3.14 4.01
CA GLU B 194 6.70 2.96 3.16
C GLU B 194 6.72 4.18 2.25
N THR B 195 7.86 4.86 2.18
CA THR B 195 7.94 6.09 1.42
C THR B 195 9.24 6.24 0.70
N TYR B 196 9.17 6.91 -0.45
CA TYR B 196 10.37 7.33 -1.14
C TYR B 196 10.68 8.72 -0.55
N PHE B 197 11.90 9.20 -0.77
CA PHE B 197 12.24 10.54 -0.37
C PHE B 197 12.74 11.33 -1.54
N THR B 198 12.39 12.62 -1.60
CA THR B 198 12.96 13.52 -2.58
C THR B 198 14.36 13.86 -2.07
N GLN B 199 15.30 14.12 -3.00
CA GLN B 199 16.70 14.34 -2.71
C GLN B 199 17.07 15.77 -2.36
N SER B 200 16.16 16.74 -2.56
CA SER B 200 16.32 18.16 -2.23
C SER B 200 17.59 18.85 -2.78
N ARG B 201 17.98 18.52 -4.00
CA ARG B 201 19.16 19.10 -4.63
C ARG B 201 18.86 20.41 -5.36
N ASN B 202 19.92 21.19 -5.66
CA ASN B 202 19.83 22.43 -6.41
C ASN B 202 20.24 22.13 -7.83
N LEU B 203 19.77 22.94 -8.75
CA LEU B 203 20.14 22.82 -10.15
C LEU B 203 21.62 23.24 -10.37
N GLN B 204 22.07 24.30 -9.67
CA GLN B 204 23.42 24.83 -9.81
C GLN B 204 24.48 23.95 -9.13
N GLU B 205 24.13 23.31 -8.00
CA GLU B 205 25.09 22.45 -7.30
C GLU B 205 24.64 20.98 -7.27
N PHE B 206 24.12 20.49 -8.40
CA PHE B 206 23.64 19.12 -8.47
C PHE B 206 24.73 18.06 -8.44
N LYS B 207 24.64 17.10 -7.53
CA LYS B 207 25.59 16.00 -7.43
C LYS B 207 24.90 14.65 -7.48
N PRO B 208 25.38 13.74 -8.35
CA PRO B 208 24.79 12.40 -8.44
C PRO B 208 25.00 11.60 -7.16
N ARG B 209 23.98 10.83 -6.75
CA ARG B 209 24.06 10.04 -5.51
C ARG B 209 23.95 8.53 -5.73
N SER B 210 24.31 8.06 -6.93
CA SER B 210 24.34 6.65 -7.30
C SER B 210 25.12 6.45 -8.61
N GLN B 211 25.46 5.21 -8.95
CA GLN B 211 26.17 4.91 -10.19
C GLN B 211 25.29 5.21 -11.41
N MET B 212 23.98 5.01 -11.29
CA MET B 212 23.03 5.29 -12.36
C MET B 212 22.95 6.81 -12.63
N GLU B 213 23.02 7.62 -11.57
CA GLU B 213 22.99 9.07 -11.71
C GLU B 213 24.27 9.62 -12.32
N ILE B 214 25.42 8.97 -12.03
CA ILE B 214 26.71 9.33 -12.62
C ILE B 214 26.66 9.03 -14.14
N ASP B 215 26.07 7.89 -14.51
CA ASP B 215 25.92 7.48 -15.90
C ASP B 215 24.91 8.33 -16.66
N PHE B 216 23.88 8.84 -15.97
CA PHE B 216 22.90 9.71 -16.64
C PHE B 216 23.56 11.01 -17.08
N LEU B 217 24.36 11.60 -16.19
CA LEU B 217 25.05 12.84 -16.41
C LEU B 217 26.24 12.71 -17.35
N GLU B 218 26.92 11.55 -17.34
CA GLU B 218 28.12 11.39 -18.17
C GLU B 218 27.83 10.80 -19.55
N LEU B 219 26.99 9.77 -19.63
CA LEU B 219 26.67 9.14 -20.91
C LEU B 219 25.71 9.96 -21.78
N ALA B 220 25.65 9.61 -23.07
CA ALA B 220 24.72 10.18 -24.03
C ALA B 220 23.35 9.54 -23.80
N MET B 221 22.28 10.21 -24.24
CA MET B 221 20.91 9.70 -24.04
C MET B 221 20.70 8.24 -24.47
N ASP B 222 21.10 7.89 -25.69
CA ASP B 222 20.88 6.57 -26.23
C ASP B 222 21.71 5.46 -25.57
N GLU B 223 22.98 5.74 -25.19
CA GLU B 223 23.78 4.71 -24.53
C GLU B 223 23.33 4.50 -23.09
N PHE B 224 22.81 5.56 -22.42
CA PHE B 224 22.29 5.41 -21.05
C PHE B 224 21.03 4.54 -21.07
N ILE B 225 20.09 4.83 -21.97
CA ILE B 225 18.83 4.08 -22.09
C ILE B 225 19.09 2.62 -22.48
N GLU B 226 20.16 2.35 -23.24
CA GLU B 226 20.54 1.00 -23.62
C GLU B 226 21.16 0.28 -22.42
N ARG B 227 22.08 0.94 -21.69
CA ARG B 227 22.74 0.36 -20.52
C ARG B 227 21.78 -0.05 -19.40
N TYR B 228 20.78 0.79 -19.10
CA TYR B 228 19.83 0.50 -18.02
C TYR B 228 18.50 -0.12 -18.48
N LYS B 229 18.46 -0.61 -19.74
CA LYS B 229 17.31 -1.27 -20.36
C LYS B 229 16.01 -0.48 -20.22
N LEU B 230 16.07 0.83 -20.52
CA LEU B 230 14.93 1.72 -20.39
C LEU B 230 14.19 1.99 -21.69
N GLU B 231 14.35 1.11 -22.70
CA GLU B 231 13.65 1.27 -23.97
C GLU B 231 12.15 1.06 -23.76
N GLY B 232 11.34 1.95 -24.31
CA GLY B 232 9.88 1.91 -24.16
C GLY B 232 9.36 2.59 -22.91
N TYR B 233 10.24 3.23 -22.12
CA TYR B 233 9.83 3.92 -20.89
C TYR B 233 9.78 5.45 -21.03
N ALA B 234 9.88 5.97 -22.26
CA ALA B 234 9.81 7.38 -22.61
C ALA B 234 10.73 8.30 -21.79
N PHE B 235 11.96 7.84 -21.47
CA PHE B 235 12.92 8.68 -20.75
C PHE B 235 13.38 9.86 -21.60
N GLU B 236 13.40 9.68 -22.93
CA GLU B 236 13.74 10.73 -23.91
C GLU B 236 12.82 11.95 -23.69
N HIS B 237 11.53 11.69 -23.41
CA HIS B 237 10.51 12.71 -23.14
C HIS B 237 10.50 13.14 -21.65
N ILE B 238 10.23 12.21 -20.71
CA ILE B 238 10.10 12.45 -19.28
C ILE B 238 11.33 13.03 -18.58
N VAL B 239 12.51 12.42 -18.78
CA VAL B 239 13.67 12.81 -18.03
C VAL B 239 14.58 13.75 -18.82
N TYR B 240 14.89 13.41 -20.06
CA TYR B 240 15.76 14.23 -20.89
C TYR B 240 15.08 15.52 -21.33
N GLY B 241 13.82 15.41 -21.70
CA GLY B 241 13.07 16.57 -22.16
C GLY B 241 13.09 16.73 -23.66
N ASP B 242 11.98 17.16 -24.22
CA ASP B 242 11.83 17.39 -25.65
C ASP B 242 11.79 18.90 -25.90
N PHE B 243 12.82 19.42 -26.57
CA PHE B 243 12.90 20.85 -26.85
C PHE B 243 12.65 21.20 -28.30
N SER B 244 12.05 20.30 -29.09
CA SER B 244 11.84 20.51 -30.52
C SER B 244 10.54 21.24 -30.88
N HIS B 245 9.56 21.25 -29.98
CA HIS B 245 8.28 21.93 -30.24
C HIS B 245 8.11 23.17 -29.36
N SER B 246 7.11 24.02 -29.67
CA SER B 246 6.86 25.23 -28.89
C SER B 246 6.53 24.89 -27.43
N GLN B 247 5.82 23.78 -27.21
CA GLN B 247 5.56 23.30 -25.87
C GLN B 247 6.70 22.32 -25.50
N LEU B 248 7.38 22.62 -24.39
CA LEU B 248 8.47 21.81 -23.86
C LEU B 248 7.87 20.49 -23.40
N GLY B 249 8.44 19.40 -23.90
CA GLY B 249 7.95 18.08 -23.57
C GLY B 249 8.66 17.47 -22.40
N GLY B 250 7.89 16.91 -21.47
CA GLY B 250 8.42 16.25 -20.28
C GLY B 250 9.23 17.15 -19.39
N LEU B 251 10.44 16.68 -19.01
CA LEU B 251 11.38 17.36 -18.13
C LEU B 251 10.79 17.48 -16.69
N HIS B 252 10.50 16.33 -16.09
CA HIS B 252 9.89 16.29 -14.76
C HIS B 252 10.82 15.82 -13.66
N LEU B 253 12.04 15.39 -13.98
CA LEU B 253 12.99 14.95 -12.96
C LEU B 253 14.09 15.98 -12.86
N LEU B 254 14.44 16.40 -11.64
CA LEU B 254 15.49 17.40 -11.44
C LEU B 254 16.81 17.05 -12.10
N ILE B 255 17.21 15.76 -12.10
CA ILE B 255 18.43 15.31 -12.74
C ILE B 255 18.46 15.63 -14.24
N GLY B 256 17.30 15.60 -14.90
CA GLY B 256 17.18 15.92 -16.30
C GLY B 256 17.40 17.39 -16.58
N LEU B 257 16.89 18.24 -15.68
CA LEU B 257 17.07 19.68 -15.73
C LEU B 257 18.56 20.01 -15.46
N ALA B 258 19.22 19.27 -14.55
CA ALA B 258 20.62 19.48 -14.21
C ALA B 258 21.50 19.15 -15.41
N LYS B 259 21.18 18.07 -16.14
CA LYS B 259 21.97 17.66 -17.30
C LYS B 259 21.86 18.73 -18.40
N ARG B 260 20.64 19.27 -18.61
CA ARG B 260 20.36 20.30 -19.61
C ARG B 260 21.04 21.61 -19.24
N PHE B 261 21.03 21.96 -17.94
CA PHE B 261 21.61 23.18 -17.38
C PHE B 261 23.12 23.35 -17.64
N LYS B 262 23.84 22.22 -17.76
CA LYS B 262 25.27 22.20 -18.05
C LYS B 262 25.53 22.67 -19.48
N GLU B 263 24.65 22.29 -20.41
CA GLU B 263 24.80 22.66 -21.81
C GLU B 263 24.20 24.05 -22.10
N SER B 264 22.91 24.25 -21.77
CA SER B 264 22.24 25.53 -22.06
C SER B 264 21.43 26.02 -20.86
N PRO B 265 21.31 27.34 -20.67
CA PRO B 265 20.53 27.84 -19.52
C PRO B 265 19.03 27.90 -19.80
N PHE B 266 18.25 28.13 -18.75
CA PHE B 266 16.80 28.26 -18.86
C PHE B 266 16.18 28.98 -17.68
N GLU B 267 15.02 29.60 -17.88
CA GLU B 267 14.31 30.29 -16.82
C GLU B 267 13.35 29.34 -16.15
N LEU B 268 13.40 29.24 -14.82
CA LEU B 268 12.48 28.43 -14.05
C LEU B 268 11.71 29.39 -13.19
N GLU B 269 10.46 29.70 -13.54
CA GLU B 269 9.66 30.62 -12.74
C GLU B 269 8.91 29.86 -11.65
N ASP B 270 9.33 30.05 -10.41
CA ASP B 270 8.74 29.46 -9.22
C ASP B 270 7.52 30.31 -8.84
N PHE B 271 6.37 30.08 -9.50
CA PHE B 271 5.17 30.90 -9.29
C PHE B 271 4.43 30.64 -7.94
N ILE B 272 4.72 29.52 -7.25
CA ILE B 272 4.20 29.29 -5.90
C ILE B 272 5.43 29.01 -5.05
N PRO B 273 6.17 30.03 -4.59
CA PRO B 273 7.43 29.76 -3.89
C PRO B 273 7.29 29.26 -2.45
N MET B 274 7.36 27.95 -2.32
CA MET B 274 7.25 27.25 -1.06
C MET B 274 7.92 25.89 -1.19
N ASP B 275 8.24 25.27 -0.08
CA ASP B 275 8.85 23.94 -0.07
C ASP B 275 7.75 22.93 -0.33
N SER B 276 7.90 22.13 -1.39
CA SER B 276 6.96 21.05 -1.67
C SER B 276 7.65 19.89 -2.40
N THR B 277 7.14 18.67 -2.17
CA THR B 277 7.58 17.40 -2.76
C THR B 277 7.62 17.52 -4.27
N VAL B 278 6.53 18.04 -4.84
CA VAL B 278 6.51 18.34 -6.26
C VAL B 278 6.52 19.86 -6.40
N LYS B 279 7.41 20.38 -7.25
CA LYS B 279 7.49 21.80 -7.51
C LYS B 279 6.95 22.12 -8.90
N ASN B 280 6.28 23.26 -9.09
CA ASN B 280 5.75 23.63 -10.42
C ASN B 280 6.47 24.85 -10.90
N TYR B 281 7.03 24.80 -12.12
CA TYR B 281 7.76 25.93 -12.70
C TYR B 281 7.26 26.30 -14.07
N PHE B 282 7.29 27.59 -14.39
CA PHE B 282 6.99 28.05 -15.75
C PHE B 282 8.38 28.07 -16.37
N ILE B 283 8.70 27.10 -17.24
CA ILE B 283 10.04 26.99 -17.79
C ILE B 283 10.15 27.56 -19.20
N THR B 284 11.26 28.24 -19.49
CA THR B 284 11.55 28.76 -20.82
C THR B 284 12.97 28.31 -21.14
N ASP B 285 13.15 27.50 -22.19
CA ASP B 285 14.49 27.07 -22.60
C ASP B 285 15.11 28.21 -23.40
N ALA B 286 16.27 28.73 -22.96
CA ALA B 286 16.89 29.86 -23.63
C ALA B 286 17.47 29.54 -25.01
N GLN B 287 17.92 28.29 -25.22
CA GLN B 287 18.52 27.91 -26.48
C GLN B 287 17.49 27.75 -27.61
N THR B 288 16.37 27.08 -27.31
CA THR B 288 15.37 26.79 -28.33
C THR B 288 14.12 27.66 -28.30
N GLY B 289 13.74 28.18 -27.14
CA GLY B 289 12.48 28.90 -26.99
C GLY B 289 11.33 27.96 -26.65
N SER B 290 11.62 26.68 -26.36
CA SER B 290 10.61 25.70 -25.96
C SER B 290 10.16 26.12 -24.56
N SER B 291 8.84 26.18 -24.30
CA SER B 291 8.37 26.61 -22.98
C SER B 291 7.16 25.80 -22.48
N LYS B 292 6.92 25.83 -21.16
CA LYS B 292 5.78 25.14 -20.57
C LYS B 292 5.37 25.94 -19.33
N CYS B 293 4.10 26.34 -19.28
CA CYS B 293 3.54 27.11 -18.17
C CYS B 293 3.63 26.42 -16.86
N VAL B 294 3.27 25.14 -16.83
CA VAL B 294 3.28 24.35 -15.61
C VAL B 294 4.08 23.11 -15.87
N CYS B 295 5.32 23.12 -15.43
CA CYS B 295 6.18 21.96 -15.57
C CYS B 295 6.47 21.46 -14.18
N SER B 296 5.83 20.34 -13.81
CA SER B 296 6.03 19.74 -12.50
C SER B 296 7.38 19.05 -12.46
N VAL B 297 8.14 19.31 -11.42
CA VAL B 297 9.48 18.77 -11.26
C VAL B 297 9.58 18.13 -9.90
N ILE B 298 10.15 16.96 -9.84
CA ILE B 298 10.39 16.26 -8.60
C ILE B 298 11.85 15.83 -8.58
N ASP B 299 12.48 15.93 -7.41
CA ASP B 299 13.85 15.48 -7.29
C ASP B 299 13.88 14.11 -6.66
N LEU B 300 13.70 13.07 -7.45
CA LEU B 300 13.82 11.71 -6.95
C LEU B 300 15.18 11.22 -7.36
N LEU B 301 15.72 10.21 -6.65
CA LEU B 301 16.97 9.57 -7.06
C LEU B 301 16.60 8.80 -8.34
N LEU B 302 17.42 8.87 -9.39
CA LEU B 302 17.07 8.26 -10.67
C LEU B 302 16.69 6.79 -10.55
N ASP B 303 17.35 6.06 -9.66
CA ASP B 303 17.09 4.65 -9.39
C ASP B 303 15.68 4.46 -8.84
N ASP B 304 15.24 5.39 -7.98
CA ASP B 304 13.90 5.36 -7.37
C ASP B 304 12.83 5.65 -8.40
N PHE B 305 13.08 6.60 -9.31
CA PHE B 305 12.16 6.94 -10.39
C PHE B 305 12.05 5.77 -11.36
N VAL B 306 13.17 5.09 -11.66
CA VAL B 306 13.21 3.92 -12.55
C VAL B 306 12.39 2.78 -11.92
N GLU B 307 12.54 2.57 -10.61
CA GLU B 307 11.79 1.54 -9.89
C GLU B 307 10.27 1.80 -9.92
N ILE B 308 9.86 3.08 -9.78
CA ILE B 308 8.45 3.48 -9.83
C ILE B 308 7.87 3.21 -11.21
N ILE B 309 8.52 3.69 -12.29
CA ILE B 309 7.99 3.56 -13.63
C ILE B 309 8.03 2.10 -14.11
N LYS B 310 9.06 1.33 -13.72
CA LYS B 310 9.15 -0.08 -14.09
C LYS B 310 8.20 -0.98 -13.28
N SER B 311 7.54 -0.45 -12.25
CA SER B 311 6.59 -1.21 -11.44
C SER B 311 5.14 -0.88 -11.80
N GLN B 312 4.91 -0.25 -12.96
CA GLN B 312 3.56 0.11 -13.37
C GLN B 312 3.04 -0.80 -14.48
N ASP B 313 1.73 -0.96 -14.53
CA ASP B 313 1.09 -1.70 -15.60
C ASP B 313 0.99 -0.74 -16.79
N LEU B 314 1.56 -1.12 -17.95
CA LEU B 314 1.56 -0.26 -19.12
C LEU B 314 0.50 -0.64 -20.16
N SER B 315 -0.61 -1.28 -19.75
CA SER B 315 -1.64 -1.70 -20.69
C SER B 315 -2.88 -0.80 -20.77
N VAL B 316 -2.86 0.36 -20.09
CA VAL B 316 -4.01 1.27 -20.11
C VAL B 316 -3.61 2.63 -20.69
N VAL B 317 -4.51 3.27 -21.48
CA VAL B 317 -4.23 4.56 -22.10
C VAL B 317 -3.84 5.66 -21.08
N SER B 318 -4.67 5.88 -20.05
CA SER B 318 -4.38 6.89 -19.04
C SER B 318 -4.87 6.50 -17.68
N LYS B 319 -4.03 6.69 -16.66
CA LYS B 319 -4.41 6.36 -15.29
C LYS B 319 -3.62 7.12 -14.26
N VAL B 320 -4.20 7.27 -13.06
CA VAL B 320 -3.55 7.94 -11.97
C VAL B 320 -2.76 6.88 -11.20
N VAL B 321 -1.46 7.14 -10.96
CA VAL B 321 -0.54 6.30 -10.24
C VAL B 321 -0.19 7.04 -8.96
N LYS B 322 -0.49 6.45 -7.81
CA LYS B 322 -0.22 7.08 -6.53
C LYS B 322 1.06 6.51 -5.90
N VAL B 323 1.99 7.40 -5.51
CA VAL B 323 3.28 7.03 -4.93
C VAL B 323 3.52 7.77 -3.62
N THR B 324 3.78 7.06 -2.53
CA THR B 324 4.10 7.71 -1.25
C THR B 324 5.53 8.29 -1.32
N ILE B 325 5.63 9.62 -1.28
CA ILE B 325 6.90 10.32 -1.37
C ILE B 325 6.88 11.38 -0.30
N ASP B 326 7.90 11.37 0.58
CA ASP B 326 8.03 12.32 1.68
C ASP B 326 6.83 12.21 2.61
N TYR B 327 6.32 10.97 2.80
CA TYR B 327 5.16 10.53 3.60
C TYR B 327 3.81 10.96 3.06
N THR B 328 3.76 11.69 1.93
CA THR B 328 2.49 12.12 1.37
C THR B 328 2.16 11.31 0.09
N GLU B 329 0.89 11.31 -0.29
CA GLU B 329 0.47 10.63 -1.52
C GLU B 329 0.62 11.53 -2.72
N ILE B 330 1.56 11.20 -3.61
CA ILE B 330 1.76 11.94 -4.83
C ILE B 330 1.07 11.22 -6.01
N SER B 331 0.19 11.94 -6.71
CA SER B 331 -0.47 11.40 -7.88
C SER B 331 0.37 11.70 -9.11
N PHE B 332 0.52 10.71 -9.97
CA PHE B 332 1.22 10.79 -11.22
C PHE B 332 0.26 10.42 -12.31
N MET B 333 0.44 10.97 -13.49
CA MET B 333 -0.39 10.65 -14.62
C MET B 333 0.44 9.76 -15.53
N LEU B 334 -0.06 8.57 -15.80
CA LEU B 334 0.64 7.61 -16.64
C LEU B 334 -0.11 7.42 -17.95
N TRP B 335 0.53 7.79 -19.04
CA TRP B 335 -0.06 7.67 -20.38
C TRP B 335 0.70 6.64 -21.17
N CYS B 336 0.00 5.62 -21.66
CA CYS B 336 0.62 4.55 -22.40
C CYS B 336 -0.02 4.31 -23.77
N LYS B 337 0.67 3.57 -24.64
CA LYS B 337 0.17 3.21 -25.98
C LYS B 337 0.97 1.99 -26.42
N ASP B 338 0.28 0.93 -26.89
CA ASP B 338 0.88 -0.32 -27.37
C ASP B 338 1.91 -0.96 -26.42
N GLY B 339 1.67 -0.86 -25.11
CA GLY B 339 2.57 -1.44 -24.12
C GLY B 339 3.78 -0.61 -23.76
N HIS B 340 3.89 0.60 -24.31
CA HIS B 340 5.02 1.48 -24.00
C HIS B 340 4.55 2.78 -23.36
N VAL B 341 5.42 3.41 -22.57
CA VAL B 341 5.13 4.68 -21.93
C VAL B 341 5.16 5.78 -22.98
N GLU B 342 4.24 6.74 -22.88
CA GLU B 342 4.21 7.92 -23.72
C GLU B 342 4.67 9.07 -22.83
N THR B 343 4.05 9.23 -21.64
CA THR B 343 4.46 10.20 -20.62
C THR B 343 4.09 9.72 -19.21
N PHE B 344 4.80 10.23 -18.21
CA PHE B 344 4.61 9.94 -16.80
C PHE B 344 5.02 11.21 -16.08
N TYR B 345 4.08 11.84 -15.36
CA TYR B 345 4.38 13.12 -14.71
C TYR B 345 3.62 13.33 -13.42
N PRO B 346 4.20 14.06 -12.44
CA PRO B 346 3.45 14.33 -11.21
C PRO B 346 2.25 15.21 -11.51
N LYS B 347 1.04 14.60 -11.45
CA LYS B 347 -0.28 15.16 -11.75
C LYS B 347 -0.54 16.55 -11.20
N LEU B 348 -0.90 17.47 -12.12
CA LEU B 348 -1.27 18.86 -11.84
C LEU B 348 -2.77 18.84 -11.43
N GLN B 349 -3.06 19.09 -10.13
CA GLN B 349 -4.44 18.99 -9.65
C GLN B 349 -4.88 20.14 -8.73
C10 ZQJ C . -19.16 -3.30 -9.82
C01 ZQJ C . -17.92 -4.17 -6.18
N02 ZQJ C . -18.06 -4.22 -7.63
N03 ZQJ C . -17.24 -5.14 -8.43
C04 ZQJ C . -17.37 -5.20 -9.90
C05 ZQJ C . -16.61 -6.13 -10.64
C06 ZQJ C . -17.09 -6.35 -12.22
N07 ZQJ C . -18.27 -5.88 -12.51
C08 ZQJ C . -18.48 -4.35 -12.05
C09 ZQJ C . -18.33 -4.25 -10.61
C11 ZQJ C . -19.03 -3.28 -8.31
O12 ZQJ C . -19.66 -2.52 -7.66
C10 ZQJ D . -0.30 12.86 -23.00
C01 ZQJ D . -2.68 11.61 -25.86
N02 ZQJ D . -2.18 12.36 -24.72
N03 ZQJ D . -3.05 13.36 -24.07
C04 ZQJ D . -2.56 14.12 -22.89
C05 ZQJ D . -3.41 15.08 -22.26
C06 ZQJ D . -2.89 15.56 -20.77
N07 ZQJ D . -1.61 15.78 -20.67
C08 ZQJ D . -0.65 14.61 -21.20
C09 ZQJ D . -1.17 13.86 -22.33
C11 ZQJ D . -0.81 12.11 -24.21
O12 ZQJ D . -0.10 11.31 -24.72
#